data_6T3T
#
_entry.id   6T3T
#
_cell.length_a   109.060
_cell.length_b   109.060
_cell.length_c   107.840
_cell.angle_alpha   90.000
_cell.angle_beta   90.000
_cell.angle_gamma   90.000
#
_symmetry.space_group_name_H-M   'P 42'
#
loop_
_entity.id
_entity.type
_entity.pdbx_description
1 polymer '4-hydroxy-tetrahydrodipicolinate synthase'
2 non-polymer 'SULFATE ION'
3 water water
#
_entity_poly.entity_id   1
_entity_poly.type   'polypeptide(L)'
_entity_poly.pdbx_seq_one_letter_code
;MKIQGTYTAIISPFHNGQIDRKALERLLEHQIENRIDGIVPVGTTGESPTLSYEEHIELVRLTAEIVEKRIKIFAGTGSN
STAEAIHLTKEAEKIGVDGVLLVSPYYNRPSQEGLFRHFSAIAASTSLPILLYNIPSRCGVDIAVDTVKRLVEKNKNIVG
IKEAGGSVDRVSQLVEALPGEFSILSGDDALTLPFLSVGAVGVVSVASNLFPRPVSALVRLYLEGKPFEARQLHQTLYPL
FRDLMIETNPVPVKTALAMEGLTDLELRLPLAPLQPQNLEKLKTTLSRTKEKLAKVEHLWA
;
_entity_poly.pdbx_strand_id   B,A,C,D
#
loop_
_chem_comp.id
_chem_comp.type
_chem_comp.name
_chem_comp.formula
SO4 non-polymer 'SULFATE ION' 'O4 S -2'
#
# COMPACT_ATOMS: atom_id res chain seq x y z
N LYS A 2 13.42 33.83 6.00
CA LYS A 2 13.00 32.44 5.86
C LYS A 2 11.59 32.25 6.47
N ILE A 3 10.91 31.19 6.07
CA ILE A 3 9.55 30.92 6.53
C ILE A 3 9.63 29.93 7.68
N GLN A 4 9.14 30.35 8.85
CA GLN A 4 9.25 29.55 10.06
C GLN A 4 8.05 29.80 10.94
N GLY A 5 7.80 28.86 11.84
CA GLY A 5 6.72 29.05 12.78
C GLY A 5 5.42 28.37 12.38
N THR A 6 4.30 28.95 12.80
CA THR A 6 3.00 28.31 12.67
C THR A 6 2.09 29.16 11.78
N TYR A 7 1.59 28.54 10.72
CA TYR A 7 0.66 29.11 9.76
C TYR A 7 -0.64 28.34 9.81
N THR A 8 -1.77 29.02 9.89
CA THR A 8 -3.04 28.35 10.06
C THR A 8 -3.74 28.22 8.71
N ALA A 9 -3.99 26.99 8.26
CA ALA A 9 -4.87 26.75 7.12
C ALA A 9 -6.30 26.94 7.61
N ILE A 10 -6.88 28.11 7.34
CA ILE A 10 -8.17 28.47 7.93
C ILE A 10 -9.30 27.81 7.15
N ILE A 11 -10.36 27.46 7.89
CA ILE A 11 -11.64 27.12 7.25
C ILE A 11 -12.16 28.33 6.45
N SER A 12 -13.05 28.06 5.50
CA SER A 12 -13.81 29.14 4.85
C SER A 12 -15.15 29.15 5.56
N PRO A 13 -15.42 30.11 6.44
CA PRO A 13 -16.69 30.07 7.18
C PRO A 13 -17.85 30.42 6.24
N PHE A 14 -18.89 29.59 6.29
CA PHE A 14 -20.08 29.79 5.48
C PHE A 14 -21.28 30.08 6.37
N HIS A 15 -22.16 30.94 5.87
CA HIS A 15 -23.43 31.22 6.53
C HIS A 15 -24.46 31.47 5.44
N ASN A 16 -25.47 30.59 5.37
CA ASN A 16 -26.53 30.69 4.38
C ASN A 16 -25.97 30.67 2.95
N GLY A 17 -25.10 29.72 2.70
CA GLY A 17 -24.58 29.53 1.37
C GLY A 17 -23.60 30.55 0.90
N GLN A 18 -23.15 31.44 1.78
CA GLN A 18 -22.22 32.48 1.35
C GLN A 18 -21.11 32.59 2.37
N ILE A 19 -20.04 33.30 2.01
CA ILE A 19 -18.95 33.56 2.94
C ILE A 19 -19.48 34.32 4.14
N ASP A 20 -19.16 33.83 5.33
CA ASP A 20 -19.54 34.45 6.60
C ASP A 20 -18.43 35.44 6.99
N ARG A 21 -18.65 36.73 6.72
CA ARG A 21 -17.58 37.71 6.90
C ARG A 21 -17.30 37.99 8.37
N LYS A 22 -18.34 38.05 9.18
CA LYS A 22 -18.15 38.25 10.61
C LYS A 22 -17.39 37.09 11.24
N ALA A 23 -17.74 35.86 10.88
CA ALA A 23 -17.03 34.70 11.43
C ALA A 23 -15.58 34.70 10.99
N LEU A 24 -15.34 35.08 9.74
CA LEU A 24 -13.97 35.15 9.23
C LEU A 24 -13.16 36.17 10.01
N GLU A 25 -13.73 37.37 10.21
CA GLU A 25 -13.05 38.39 10.98
C GLU A 25 -12.74 37.90 12.38
N ARG A 26 -13.72 37.28 13.04
CA ARG A 26 -13.44 36.84 14.41
C ARG A 26 -12.34 35.79 14.43
N LEU A 27 -12.38 34.84 13.49
CA LEU A 27 -11.36 33.79 13.46
C LEU A 27 -9.99 34.37 13.18
N LEU A 28 -9.90 35.32 12.24
CA LEU A 28 -8.61 35.92 11.91
C LEU A 28 -8.04 36.69 13.10
N GLU A 29 -8.88 37.46 13.80
CA GLU A 29 -8.40 38.17 14.98
C GLU A 29 -7.91 37.21 16.06
N HIS A 30 -8.63 36.11 16.28
CA HIS A 30 -8.18 35.15 17.28
C HIS A 30 -6.81 34.58 16.92
N GLN A 31 -6.55 34.39 15.61
CA GLN A 31 -5.22 33.93 15.19
C GLN A 31 -4.15 34.97 15.51
N ILE A 32 -4.38 36.23 15.10
CA ILE A 32 -3.40 37.29 15.29
C ILE A 32 -3.09 37.50 16.77
N GLU A 33 -4.09 37.32 17.63
CA GLU A 33 -3.93 37.53 19.07
C GLU A 33 -3.19 36.39 19.75
N ASN A 34 -2.88 35.32 19.04
CA ASN A 34 -2.36 34.13 19.67
C ASN A 34 -1.11 33.62 18.99
N ARG A 35 -0.25 34.55 18.56
CA ARG A 35 1.13 34.26 18.18
C ARG A 35 1.23 33.38 16.94
N ILE A 36 0.30 33.54 16.01
CA ILE A 36 0.34 32.83 14.74
C ILE A 36 1.15 33.66 13.75
N ASP A 37 2.04 32.99 13.01
CA ASP A 37 2.92 33.72 12.12
C ASP A 37 2.27 34.09 10.80
N GLY A 38 1.25 33.35 10.38
CA GLY A 38 0.63 33.65 9.11
C GLY A 38 -0.57 32.77 8.86
N ILE A 39 -1.24 33.05 7.75
CA ILE A 39 -2.51 32.44 7.40
C ILE A 39 -2.40 31.84 6.00
N VAL A 40 -2.97 30.65 5.81
CA VAL A 40 -3.15 30.06 4.50
C VAL A 40 -4.64 30.01 4.19
N PRO A 41 -5.18 31.00 3.51
CA PRO A 41 -6.61 30.94 3.14
C PRO A 41 -6.81 30.08 1.91
N VAL A 42 -8.01 29.50 1.82
CA VAL A 42 -8.53 28.74 0.69
C VAL A 42 -7.59 27.65 0.19
N GLY A 43 -7.10 26.83 1.12
CA GLY A 43 -6.51 25.54 0.80
C GLY A 43 -7.56 24.44 0.94
N THR A 44 -7.10 23.22 1.23
CA THR A 44 -8.03 22.10 1.45
C THR A 44 -8.94 22.39 2.63
N THR A 45 -8.35 22.86 3.72
CA THR A 45 -9.11 23.16 4.92
C THR A 45 -10.16 24.22 4.64
N GLY A 46 -9.90 25.11 3.67
CA GLY A 46 -10.86 26.10 3.24
C GLY A 46 -11.81 25.65 2.14
N GLU A 47 -11.85 24.34 1.85
CA GLU A 47 -12.77 23.79 0.85
C GLU A 47 -12.64 24.48 -0.51
N SER A 48 -11.39 24.68 -0.93
CA SER A 48 -11.17 25.28 -2.26
C SER A 48 -11.94 24.59 -3.39
N PRO A 49 -12.14 23.26 -3.41
CA PRO A 49 -12.88 22.67 -4.55
C PRO A 49 -14.30 23.18 -4.72
N THR A 50 -14.98 23.59 -3.65
CA THR A 50 -16.39 23.95 -3.75
C THR A 50 -16.63 25.44 -3.67
N LEU A 51 -15.60 26.26 -3.68
CA LEU A 51 -15.75 27.71 -3.84
C LEU A 51 -15.82 28.03 -5.33
N SER A 52 -16.68 28.99 -5.69
CA SER A 52 -16.60 29.54 -7.04
C SER A 52 -15.29 30.32 -7.22
N TYR A 53 -14.97 30.65 -8.46
CA TYR A 53 -13.74 31.42 -8.69
C TYR A 53 -13.75 32.73 -7.91
N GLU A 54 -14.85 33.46 -8.01
CA GLU A 54 -15.04 34.74 -7.33
C GLU A 54 -15.16 34.60 -5.82
N GLU A 55 -15.74 33.50 -5.34
CA GLU A 55 -15.60 33.25 -3.91
C GLU A 55 -14.15 33.01 -3.54
N HIS A 56 -13.40 32.26 -4.36
CA HIS A 56 -11.97 32.02 -4.13
C HIS A 56 -11.21 33.35 -4.03
N ILE A 57 -11.46 34.26 -4.97
CA ILE A 57 -10.80 35.55 -4.97
C ILE A 57 -11.24 36.35 -3.76
N GLU A 58 -12.53 36.32 -3.43
CA GLU A 58 -13.04 37.14 -2.33
C GLU A 58 -12.51 36.70 -0.95
N LEU A 59 -12.38 35.41 -0.72
CA LEU A 59 -11.84 34.95 0.57
C LEU A 59 -10.41 35.43 0.74
N VAL A 60 -9.62 35.39 -0.35
CA VAL A 60 -8.25 35.85 -0.25
C VAL A 60 -8.21 37.36 -0.02
N ARG A 61 -9.08 38.10 -0.70
CA ARG A 61 -9.12 39.54 -0.53
C ARG A 61 -9.56 39.92 0.87
N LEU A 62 -10.62 39.27 1.37
CA LEU A 62 -11.10 39.56 2.72
C LEU A 62 -10.03 39.29 3.76
N THR A 63 -9.33 38.16 3.62
CA THR A 63 -8.24 37.83 4.52
C THR A 63 -7.18 38.92 4.50
N ALA A 64 -6.78 39.38 3.30
CA ALA A 64 -5.77 40.44 3.22
C ALA A 64 -6.30 41.71 3.85
N GLU A 65 -7.56 42.07 3.55
CA GLU A 65 -8.11 43.30 4.11
C GLU A 65 -8.18 43.24 5.62
N ILE A 66 -8.66 42.12 6.19
CA ILE A 66 -8.79 41.99 7.64
C ILE A 66 -7.42 41.99 8.31
N VAL A 67 -6.50 41.19 7.80
CA VAL A 67 -5.19 41.02 8.42
C VAL A 67 -4.39 42.30 8.33
N GLU A 68 -4.54 43.06 7.23
CA GLU A 68 -3.82 44.33 7.04
C GLU A 68 -2.35 44.23 7.43
N LYS A 69 -1.70 43.19 6.90
CA LYS A 69 -0.27 42.95 6.96
C LYS A 69 0.27 42.68 8.37
N ARG A 70 -0.59 42.48 9.37
CA ARG A 70 -0.08 42.23 10.71
C ARG A 70 0.65 40.90 10.78
N ILE A 71 0.17 39.88 10.07
CA ILE A 71 0.86 38.61 9.93
C ILE A 71 0.82 38.22 8.44
N LYS A 72 1.59 37.18 8.09
CA LYS A 72 1.77 36.83 6.68
C LYS A 72 0.57 36.07 6.12
N ILE A 73 0.39 36.18 4.81
CA ILE A 73 -0.62 35.40 4.11
C ILE A 73 0.05 34.67 2.96
N PHE A 74 -0.08 33.34 2.94
CA PHE A 74 0.28 32.54 1.78
C PHE A 74 -1.00 31.91 1.27
N ALA A 75 -1.51 32.44 0.16
CA ALA A 75 -2.78 32.02 -0.39
C ALA A 75 -2.66 30.71 -1.17
N GLY A 76 -3.64 29.84 -1.00
CA GLY A 76 -3.75 28.66 -1.83
C GLY A 76 -4.20 28.98 -3.26
N THR A 77 -3.29 28.78 -4.21
CA THR A 77 -3.57 29.08 -5.61
C THR A 77 -3.22 27.90 -6.52
N GLY A 78 -3.15 26.70 -5.99
CA GLY A 78 -2.84 25.55 -6.83
C GLY A 78 -4.01 25.05 -7.67
N SER A 79 -3.68 24.26 -8.67
CA SER A 79 -4.68 23.66 -9.54
C SER A 79 -4.03 22.48 -10.22
N ASN A 80 -4.85 21.57 -10.74
CA ASN A 80 -4.26 20.56 -11.61
C ASN A 80 -4.20 21.03 -13.06
N SER A 81 -4.60 22.27 -13.30
CA SER A 81 -4.35 22.98 -14.55
C SER A 81 -3.28 24.04 -14.31
N THR A 82 -2.16 23.91 -15.03
CA THR A 82 -1.07 24.87 -14.86
C THR A 82 -1.56 26.28 -15.20
N ALA A 83 -2.34 26.43 -16.28
CA ALA A 83 -2.83 27.76 -16.62
C ALA A 83 -3.72 28.33 -15.52
N GLU A 84 -4.62 27.53 -14.95
CA GLU A 84 -5.49 28.06 -13.90
C GLU A 84 -4.71 28.43 -12.66
N ALA A 85 -3.66 27.65 -12.33
CA ALA A 85 -2.80 27.99 -11.20
C ALA A 85 -2.08 29.31 -11.44
N ILE A 86 -1.61 29.53 -12.66
CA ILE A 86 -0.97 30.81 -13.00
C ILE A 86 -1.96 31.95 -12.81
N HIS A 87 -3.19 31.77 -13.30
CA HIS A 87 -4.18 32.83 -13.19
C HIS A 87 -4.52 33.12 -11.74
N LEU A 88 -4.76 32.07 -10.95
CA LEU A 88 -5.02 32.22 -9.52
C LEU A 88 -3.85 32.88 -8.81
N THR A 89 -2.63 32.48 -9.15
CA THR A 89 -1.49 33.09 -8.48
C THR A 89 -1.37 34.57 -8.82
N LYS A 90 -1.61 34.94 -10.08
CA LYS A 90 -1.51 36.34 -10.44
C LYS A 90 -2.58 37.14 -9.73
N GLU A 91 -3.77 36.57 -9.59
CA GLU A 91 -4.82 37.30 -8.88
C GLU A 91 -4.43 37.52 -7.42
N ALA A 92 -3.80 36.52 -6.79
CA ALA A 92 -3.37 36.70 -5.41
C ALA A 92 -2.29 37.78 -5.31
N GLU A 93 -1.39 37.81 -6.27
CA GLU A 93 -0.38 38.86 -6.29
C GLU A 93 -1.03 40.23 -6.43
N LYS A 94 -2.04 40.36 -7.29
CA LYS A 94 -2.71 41.66 -7.42
C LYS A 94 -3.39 42.06 -6.12
N ILE A 95 -3.97 41.09 -5.40
CA ILE A 95 -4.56 41.40 -4.09
C ILE A 95 -3.47 41.84 -3.10
N GLY A 96 -2.28 41.25 -3.21
CA GLY A 96 -1.14 41.71 -2.40
C GLY A 96 -0.77 40.80 -1.24
N VAL A 97 -0.75 39.49 -1.46
CA VAL A 97 -0.40 38.56 -0.39
C VAL A 97 1.11 38.48 -0.26
N ASP A 98 1.59 37.76 0.75
CA ASP A 98 3.02 37.60 0.89
C ASP A 98 3.58 36.44 0.06
N GLY A 99 2.75 35.50 -0.36
CA GLY A 99 3.21 34.33 -1.10
C GLY A 99 2.04 33.40 -1.38
N VAL A 100 2.31 32.29 -2.07
CA VAL A 100 1.25 31.35 -2.43
C VAL A 100 1.68 29.93 -2.08
N LEU A 101 0.68 29.10 -1.77
CA LEU A 101 0.86 27.68 -1.54
C LEU A 101 0.31 26.92 -2.74
N LEU A 102 1.15 26.11 -3.38
CA LEU A 102 0.78 25.41 -4.62
C LEU A 102 0.74 23.90 -4.37
N VAL A 103 -0.47 23.36 -4.23
CA VAL A 103 -0.61 21.90 -4.15
C VAL A 103 -0.14 21.30 -5.47
N SER A 104 0.45 20.10 -5.38
CA SER A 104 0.79 19.43 -6.61
C SER A 104 -0.51 19.06 -7.34
N PRO A 105 -0.49 19.03 -8.67
CA PRO A 105 -1.67 18.60 -9.43
C PRO A 105 -2.27 17.31 -8.88
N TYR A 106 -3.58 17.31 -8.73
CA TYR A 106 -4.34 16.17 -8.25
C TYR A 106 -5.07 15.56 -9.46
N TYR A 107 -5.33 14.25 -9.37
CA TYR A 107 -6.18 13.49 -10.28
C TYR A 107 -5.54 13.14 -11.63
N ASN A 108 -4.86 14.11 -12.29
CA ASN A 108 -4.30 13.77 -13.60
C ASN A 108 -2.93 13.12 -13.50
N ARG A 109 -2.37 13.01 -12.30
CA ARG A 109 -1.19 12.22 -12.00
C ARG A 109 0.00 12.47 -12.95
N PRO A 110 0.47 13.70 -13.06
CA PRO A 110 1.61 13.97 -13.96
C PRO A 110 2.88 13.28 -13.49
N SER A 111 3.76 13.02 -14.46
CA SER A 111 5.10 12.53 -14.20
C SER A 111 5.92 13.60 -13.46
N GLN A 112 7.08 13.17 -12.96
CA GLN A 112 7.95 14.11 -12.25
C GLN A 112 8.36 15.25 -13.15
N GLU A 113 8.61 14.97 -14.43
CA GLU A 113 8.93 16.02 -15.38
C GLU A 113 7.75 16.96 -15.58
N GLY A 114 6.53 16.39 -15.61
CA GLY A 114 5.34 17.23 -15.62
C GLY A 114 5.26 18.13 -14.40
N LEU A 115 5.59 17.60 -13.22
CA LEU A 115 5.58 18.43 -12.01
C LEU A 115 6.61 19.55 -12.09
N PHE A 116 7.80 19.23 -12.57
CA PHE A 116 8.85 20.22 -12.76
C PHE A 116 8.40 21.34 -13.70
N ARG A 117 7.86 20.97 -14.86
CA ARG A 117 7.35 21.99 -15.79
C ARG A 117 6.18 22.78 -15.20
N HIS A 118 5.29 22.10 -14.47
CA HIS A 118 4.13 22.77 -13.88
C HIS A 118 4.59 23.84 -12.89
N PHE A 119 5.38 23.43 -11.91
CA PHE A 119 5.79 24.38 -10.88
C PHE A 119 6.75 25.43 -11.45
N SER A 120 7.64 25.04 -12.39
CA SER A 120 8.54 26.05 -12.97
C SER A 120 7.77 27.12 -13.72
N ALA A 121 6.74 26.72 -14.47
CA ALA A 121 5.96 27.70 -15.23
C ALA A 121 5.26 28.67 -14.30
N ILE A 122 4.70 28.18 -13.18
CA ILE A 122 4.03 29.06 -12.21
C ILE A 122 5.04 29.97 -11.53
N ALA A 123 6.18 29.41 -11.10
CA ALA A 123 7.21 30.23 -10.47
C ALA A 123 7.67 31.36 -11.40
N ALA A 124 7.87 31.04 -12.68
CA ALA A 124 8.33 32.05 -13.65
C ALA A 124 7.30 33.14 -13.89
N SER A 125 6.02 32.87 -13.63
CA SER A 125 5.01 33.85 -13.93
C SER A 125 4.86 34.89 -12.82
N THR A 126 5.51 34.70 -11.66
CA THR A 126 5.24 35.55 -10.52
C THR A 126 6.52 35.90 -9.78
N SER A 127 6.53 37.07 -9.14
CA SER A 127 7.60 37.42 -8.21
C SER A 127 7.32 36.98 -6.78
N LEU A 128 6.13 36.45 -6.51
CA LEU A 128 5.80 36.03 -5.15
C LEU A 128 6.66 34.83 -4.73
N PRO A 129 7.04 34.76 -3.45
CA PRO A 129 7.58 33.49 -2.92
C PRO A 129 6.52 32.41 -3.00
N ILE A 130 6.99 31.16 -3.18
CA ILE A 130 6.12 30.00 -3.40
C ILE A 130 6.44 28.91 -2.39
N LEU A 131 5.40 28.35 -1.78
CA LEU A 131 5.52 27.11 -1.02
C LEU A 131 4.89 25.99 -1.84
N LEU A 132 5.67 24.94 -2.11
CA LEU A 132 5.14 23.73 -2.70
C LEU A 132 4.29 23.00 -1.67
N TYR A 133 3.44 22.10 -2.13
CA TYR A 133 2.59 21.36 -1.20
C TYR A 133 2.46 19.93 -1.69
N ASN A 134 3.13 19.01 -1.01
CA ASN A 134 3.14 17.60 -1.37
C ASN A 134 2.14 16.86 -0.50
N ILE A 135 1.12 16.29 -1.11
CA ILE A 135 0.16 15.49 -0.34
C ILE A 135 -0.34 14.35 -1.22
N PRO A 136 0.44 13.26 -1.31
CA PRO A 136 0.08 12.15 -2.20
C PRO A 136 -1.23 11.45 -1.88
N SER A 137 -1.64 11.38 -0.61
CA SER A 137 -2.89 10.67 -0.28
C SER A 137 -4.10 11.34 -0.93
N ARG A 138 -4.05 12.64 -1.16
CA ARG A 138 -5.13 13.35 -1.81
C ARG A 138 -4.94 13.54 -3.31
N CYS A 139 -3.69 13.63 -3.77
CA CYS A 139 -3.41 14.01 -5.14
C CYS A 139 -3.19 12.84 -6.06
N GLY A 140 -2.73 11.70 -5.55
CA GLY A 140 -2.36 10.58 -6.38
C GLY A 140 -0.96 10.65 -6.95
N VAL A 141 -0.14 11.59 -6.47
CA VAL A 141 1.23 11.78 -6.95
C VAL A 141 2.04 12.41 -5.82
N ASP A 142 3.34 12.14 -5.81
CA ASP A 142 4.27 12.66 -4.82
C ASP A 142 5.26 13.58 -5.52
N ILE A 143 5.64 14.69 -4.89
CA ILE A 143 6.73 15.49 -5.45
C ILE A 143 8.02 14.83 -4.98
N ALA A 144 8.72 14.17 -5.90
CA ALA A 144 9.98 13.53 -5.54
C ALA A 144 11.00 14.55 -5.05
N VAL A 145 11.88 14.09 -4.16
CA VAL A 145 12.96 14.91 -3.58
C VAL A 145 13.81 15.52 -4.69
N ASP A 146 14.18 14.71 -5.69
CA ASP A 146 14.99 15.23 -6.78
C ASP A 146 14.24 16.32 -7.53
N THR A 147 12.92 16.16 -7.68
CA THR A 147 12.11 17.18 -8.34
C THR A 147 12.08 18.47 -7.55
N VAL A 148 11.89 18.38 -6.22
CA VAL A 148 12.02 19.56 -5.37
C VAL A 148 13.39 20.21 -5.53
N LYS A 149 14.46 19.40 -5.57
CA LYS A 149 15.80 19.98 -5.67
C LYS A 149 15.98 20.72 -6.99
N ARG A 150 15.57 20.12 -8.10
CA ARG A 150 15.68 20.78 -9.42
C ARG A 150 14.85 22.05 -9.46
N LEU A 151 13.64 22.01 -8.90
CA LEU A 151 12.77 23.18 -8.89
C LEU A 151 13.44 24.34 -8.17
N VAL A 152 14.16 24.07 -7.08
CA VAL A 152 14.78 25.12 -6.31
C VAL A 152 16.05 25.63 -7.01
N GLU A 153 16.80 24.73 -7.65
CA GLU A 153 17.94 25.16 -8.45
C GLU A 153 17.51 26.18 -9.50
N LYS A 154 16.34 25.98 -10.11
CA LYS A 154 15.95 26.77 -11.28
C LYS A 154 14.96 27.88 -10.98
N ASN A 155 14.37 27.92 -9.79
CA ASN A 155 13.33 28.89 -9.49
C ASN A 155 13.64 29.42 -8.09
N LYS A 156 14.30 30.57 -8.03
CA LYS A 156 14.73 31.15 -6.77
C LYS A 156 13.56 31.59 -5.88
N ASN A 157 12.36 31.77 -6.42
CA ASN A 157 11.21 32.12 -5.60
C ASN A 157 10.46 30.89 -5.02
N ILE A 158 10.94 29.69 -5.23
CA ILE A 158 10.40 28.52 -4.53
C ILE A 158 11.20 28.34 -3.24
N VAL A 159 10.59 28.69 -2.11
CA VAL A 159 11.31 28.92 -0.85
C VAL A 159 11.03 27.86 0.19
N GLY A 160 10.14 26.91 -0.07
CA GLY A 160 9.85 25.90 0.93
C GLY A 160 8.78 24.95 0.44
N ILE A 161 8.36 24.06 1.32
CA ILE A 161 7.38 23.04 0.99
C ILE A 161 6.56 22.74 2.25
N LYS A 162 5.26 22.64 2.07
CA LYS A 162 4.39 21.99 3.05
C LYS A 162 4.45 20.51 2.73
N GLU A 163 5.17 19.76 3.54
CA GLU A 163 5.36 18.33 3.31
C GLU A 163 4.26 17.58 4.06
N ALA A 164 3.31 17.03 3.29
CA ALA A 164 2.21 16.28 3.87
C ALA A 164 2.18 14.86 3.28
N GLY A 165 3.36 14.31 3.00
CA GLY A 165 3.42 12.92 2.56
C GLY A 165 3.30 11.87 3.66
N GLY A 166 3.13 12.26 4.92
CA GLY A 166 3.03 11.30 6.01
C GLY A 166 4.30 10.53 6.33
N SER A 167 5.46 11.01 5.90
CA SER A 167 6.71 10.28 6.05
C SER A 167 7.76 11.25 6.58
N VAL A 168 8.25 10.97 7.81
CA VAL A 168 9.30 11.80 8.41
C VAL A 168 10.60 11.61 7.65
N ASP A 169 10.79 10.41 7.09
CA ASP A 169 11.97 10.12 6.30
C ASP A 169 12.09 11.07 5.09
N ARG A 170 10.97 11.46 4.52
CA ARG A 170 10.99 12.47 3.46
C ARG A 170 11.66 13.76 3.93
N VAL A 171 11.45 14.14 5.19
CA VAL A 171 12.08 15.36 5.69
C VAL A 171 13.60 15.20 5.71
N SER A 172 14.08 14.07 6.21
CA SER A 172 15.53 13.83 6.21
C SER A 172 16.11 13.87 4.80
N GLN A 173 15.39 13.30 3.82
CA GLN A 173 15.88 13.37 2.43
C GLN A 173 15.87 14.80 1.91
N LEU A 174 14.82 15.56 2.23
CA LEU A 174 14.76 16.94 1.76
C LEU A 174 15.88 17.79 2.36
N VAL A 175 16.17 17.62 3.66
CA VAL A 175 17.28 18.37 4.26
C VAL A 175 18.62 17.93 3.65
N GLU A 176 18.80 16.63 3.37
CA GLU A 176 20.00 16.21 2.64
C GLU A 176 20.14 16.97 1.33
N ALA A 177 19.03 17.12 0.59
CA ALA A 177 19.14 17.56 -0.79
C ALA A 177 19.07 19.07 -0.98
N LEU A 178 18.52 19.81 -0.03
CA LEU A 178 18.21 21.20 -0.28
C LEU A 178 19.00 22.12 0.64
N PRO A 179 19.18 23.39 0.26
CA PRO A 179 19.95 24.32 1.10
C PRO A 179 19.23 24.59 2.41
N GLY A 180 19.95 25.19 3.35
CA GLY A 180 19.36 25.51 4.63
C GLY A 180 18.28 26.57 4.57
N GLU A 181 18.36 27.48 3.58
CA GLU A 181 17.39 28.56 3.53
C GLU A 181 16.02 28.05 3.09
N PHE A 182 15.97 26.88 2.47
CA PHE A 182 14.71 26.25 2.08
C PHE A 182 13.98 25.74 3.32
N SER A 183 12.69 26.05 3.43
CA SER A 183 11.92 25.78 4.64
C SER A 183 10.99 24.59 4.44
N ILE A 184 11.17 23.53 5.22
CA ILE A 184 10.25 22.41 5.20
C ILE A 184 9.27 22.57 6.35
N LEU A 185 7.97 22.58 6.03
CA LEU A 185 6.91 22.72 7.02
C LEU A 185 6.11 21.44 7.12
N SER A 186 5.73 21.08 8.33
CA SER A 186 4.80 19.98 8.51
C SER A 186 3.45 20.35 7.88
N GLY A 187 2.87 19.40 7.16
CA GLY A 187 1.50 19.52 6.75
C GLY A 187 0.56 18.64 7.53
N ASP A 188 1.00 18.07 8.64
CA ASP A 188 0.18 17.12 9.42
C ASP A 188 0.49 17.39 10.87
N ASP A 189 -0.51 17.86 11.63
CA ASP A 189 -0.26 18.32 12.99
C ASP A 189 0.38 17.22 13.85
N ALA A 190 -0.05 15.97 13.65
CA ALA A 190 0.43 14.86 14.46
C ALA A 190 1.90 14.56 14.21
N LEU A 191 2.45 14.97 13.07
CA LEU A 191 3.84 14.70 12.74
C LEU A 191 4.72 15.93 12.89
N THR A 192 4.18 17.08 13.31
CA THR A 192 4.96 18.30 13.41
C THR A 192 6.19 18.10 14.28
N LEU A 193 6.01 17.56 15.50
CA LEU A 193 7.16 17.42 16.39
C LEU A 193 8.25 16.51 15.81
N PRO A 194 7.94 15.29 15.32
CA PRO A 194 9.02 14.50 14.71
C PRO A 194 9.59 15.15 13.45
N PHE A 195 8.79 15.92 12.70
CA PHE A 195 9.31 16.64 11.55
C PHE A 195 10.37 17.66 11.98
N LEU A 196 10.06 18.43 13.03
CA LEU A 196 11.01 19.39 13.62
C LEU A 196 12.33 18.73 14.03
N SER A 197 12.27 17.54 14.63
CA SER A 197 13.49 16.91 15.15
C SER A 197 14.50 16.59 14.05
N VAL A 198 14.04 16.41 12.80
CA VAL A 198 14.99 16.13 11.73
C VAL A 198 15.10 17.30 10.75
N GLY A 199 14.59 18.48 11.10
CA GLY A 199 14.94 19.69 10.34
C GLY A 199 13.85 20.59 9.79
N ALA A 200 12.59 20.21 9.95
CA ALA A 200 11.50 21.12 9.63
C ALA A 200 11.55 22.31 10.57
N VAL A 201 10.93 23.42 10.13
CA VAL A 201 11.03 24.68 10.85
C VAL A 201 9.64 25.27 11.13
N GLY A 202 8.59 24.49 10.94
CA GLY A 202 7.27 24.98 11.26
C GLY A 202 6.20 24.08 10.70
N VAL A 203 4.97 24.60 10.70
CA VAL A 203 3.80 23.82 10.37
C VAL A 203 2.78 24.70 9.66
N VAL A 204 2.14 24.16 8.64
CA VAL A 204 0.87 24.66 8.16
C VAL A 204 -0.19 23.78 8.83
N SER A 205 -0.89 24.36 9.80
CA SER A 205 -1.61 23.62 10.81
C SER A 205 -3.12 23.70 10.62
N VAL A 206 -3.79 22.59 10.91
CA VAL A 206 -5.23 22.57 11.06
C VAL A 206 -5.65 22.84 12.48
N ALA A 207 -4.96 22.18 13.45
CA ALA A 207 -5.36 22.29 14.85
C ALA A 207 -5.32 23.72 15.36
N SER A 208 -4.42 24.55 14.80
CA SER A 208 -4.27 25.92 15.24
C SER A 208 -5.52 26.77 15.01
N ASN A 209 -6.46 26.30 14.18
CA ASN A 209 -7.77 26.92 14.03
C ASN A 209 -8.49 27.00 15.37
N LEU A 210 -8.31 25.96 16.18
CA LEU A 210 -8.96 25.80 17.46
C LEU A 210 -8.09 26.26 18.61
N PHE A 211 -6.80 25.90 18.57
CA PHE A 211 -5.86 26.15 19.66
C PHE A 211 -4.61 26.81 19.09
N PRO A 212 -4.73 28.05 18.62
CA PRO A 212 -3.56 28.74 18.02
C PRO A 212 -2.36 28.90 18.96
N ARG A 213 -2.58 29.35 20.18
CA ARG A 213 -1.44 29.53 21.08
C ARG A 213 -0.73 28.23 21.43
N PRO A 214 -1.43 27.15 21.85
CA PRO A 214 -0.70 25.90 22.15
C PRO A 214 0.02 25.30 20.94
N VAL A 215 -0.60 25.29 19.76
CA VAL A 215 0.06 24.71 18.58
C VAL A 215 1.30 25.51 18.21
N SER A 216 1.18 26.84 18.18
CA SER A 216 2.35 27.67 17.89
C SER A 216 3.41 27.58 19.00
N ALA A 217 2.98 27.42 20.26
CA ALA A 217 3.96 27.21 21.32
C ALA A 217 4.71 25.90 21.12
N LEU A 218 4.02 24.87 20.64
CA LEU A 218 4.69 23.59 20.38
C LEU A 218 5.88 23.79 19.47
N VAL A 219 5.71 24.54 18.39
CA VAL A 219 6.80 24.74 17.44
C VAL A 219 7.92 25.58 18.08
N ARG A 220 7.54 26.68 18.73
CA ARG A 220 8.54 27.56 19.36
C ARG A 220 9.36 26.80 20.40
N LEU A 221 8.70 25.98 21.25
CA LEU A 221 9.41 25.20 22.25
C LEU A 221 10.52 24.36 21.63
N TYR A 222 10.21 23.67 20.54
CA TYR A 222 11.25 22.86 19.94
C TYR A 222 12.35 23.73 19.34
N LEU A 223 11.98 24.80 18.63
CA LEU A 223 12.99 25.59 17.94
C LEU A 223 13.93 26.30 18.91
N GLU A 224 13.48 26.57 20.14
CA GLU A 224 14.37 27.18 21.13
C GLU A 224 15.06 26.15 22.04
N GLY A 225 15.09 24.87 21.66
CA GLY A 225 15.87 23.90 22.40
C GLY A 225 15.24 23.37 23.69
N LYS A 226 13.92 23.25 23.73
CA LYS A 226 13.19 22.68 24.85
C LYS A 226 12.43 21.45 24.36
N PRO A 227 13.13 20.38 24.01
CA PRO A 227 12.44 19.26 23.36
C PRO A 227 11.42 18.57 24.25
N PHE A 228 11.66 18.54 25.57
CA PHE A 228 10.77 17.80 26.46
C PHE A 228 9.47 18.55 26.78
N GLU A 229 9.52 19.88 26.94
CA GLU A 229 8.28 20.64 26.99
C GLU A 229 7.53 20.53 25.67
N ALA A 230 8.25 20.59 24.55
CA ALA A 230 7.57 20.38 23.26
C ALA A 230 6.88 19.01 23.22
N ARG A 231 7.58 17.95 23.64
CA ARG A 231 6.99 16.61 23.63
C ARG A 231 5.75 16.54 24.53
N GLN A 232 5.84 17.16 25.70
CA GLN A 232 4.72 17.25 26.64
C GLN A 232 3.49 17.88 25.99
N LEU A 233 3.68 19.00 25.27
CA LEU A 233 2.57 19.65 24.59
C LEU A 233 2.04 18.79 23.47
N HIS A 234 2.95 18.17 22.71
CA HIS A 234 2.56 17.22 21.67
C HIS A 234 1.67 16.11 22.23
N GLN A 235 2.05 15.54 23.37
CA GLN A 235 1.25 14.43 23.91
C GLN A 235 -0.09 14.93 24.43
N THR A 236 -0.10 16.15 24.98
CA THR A 236 -1.35 16.76 25.41
C THR A 236 -2.29 16.95 24.24
N LEU A 237 -1.76 17.38 23.08
CA LEU A 237 -2.60 17.66 21.93
C LEU A 237 -2.83 16.45 21.04
N TYR A 238 -2.03 15.38 21.17
CA TYR A 238 -2.04 14.30 20.19
C TYR A 238 -3.42 13.69 19.91
N PRO A 239 -4.24 13.36 20.92
CA PRO A 239 -5.57 12.82 20.59
C PRO A 239 -6.43 13.79 19.79
N LEU A 240 -6.32 15.08 20.05
CA LEU A 240 -7.00 16.05 19.18
C LEU A 240 -6.43 15.98 17.75
N PHE A 241 -5.10 15.97 17.61
CA PHE A 241 -4.49 15.86 16.29
C PHE A 241 -5.05 14.69 15.51
N ARG A 242 -5.21 13.55 16.19
CA ARG A 242 -5.77 12.33 15.61
C ARG A 242 -7.23 12.52 15.21
N ASP A 243 -8.06 13.03 16.11
CA ASP A 243 -9.48 13.12 15.82
C ASP A 243 -9.83 14.26 14.86
N LEU A 244 -8.93 15.22 14.62
CA LEU A 244 -9.19 16.17 13.56
C LEU A 244 -9.06 15.56 12.18
N MET A 245 -8.63 14.28 12.09
CA MET A 245 -8.65 13.49 10.87
C MET A 245 -9.56 12.26 10.96
N ILE A 246 -10.51 12.24 11.90
CA ILE A 246 -11.36 11.06 12.09
C ILE A 246 -12.17 10.78 10.82
N GLU A 247 -12.58 11.84 10.11
CA GLU A 247 -12.97 11.81 8.71
C GLU A 247 -12.21 12.95 8.03
N THR A 248 -12.39 13.09 6.72
CA THR A 248 -11.53 14.00 5.95
C THR A 248 -11.65 15.46 6.40
N ASN A 249 -10.49 16.04 6.73
CA ASN A 249 -10.37 17.46 6.92
C ASN A 249 -10.99 18.20 5.73
N PRO A 250 -11.78 19.27 5.94
CA PRO A 250 -12.05 20.02 7.17
C PRO A 250 -13.33 19.68 7.94
N VAL A 251 -13.95 18.52 7.74
CA VAL A 251 -15.20 18.23 8.46
C VAL A 251 -15.00 18.23 9.97
N PRO A 252 -14.00 17.54 10.54
CA PRO A 252 -13.83 17.61 12.01
C PRO A 252 -13.51 19.00 12.51
N VAL A 253 -12.55 19.71 11.90
CA VAL A 253 -12.19 21.01 12.45
C VAL A 253 -13.36 22.00 12.29
N LYS A 254 -14.09 21.93 11.18
CA LYS A 254 -15.22 22.85 11.08
C LYS A 254 -16.34 22.43 12.05
N THR A 255 -16.54 21.13 12.25
CA THR A 255 -17.48 20.65 13.26
C THR A 255 -17.07 21.11 14.65
N ALA A 256 -15.79 21.07 14.97
CA ALA A 256 -15.33 21.52 16.28
C ALA A 256 -15.60 23.01 16.47
N LEU A 257 -15.24 23.84 15.47
CA LEU A 257 -15.47 25.28 15.59
C LEU A 257 -16.95 25.59 15.71
N ALA A 258 -17.81 24.84 15.01
CA ALA A 258 -19.25 25.07 15.16
C ALA A 258 -19.73 24.67 16.54
N MET A 259 -19.15 23.62 17.12
CA MET A 259 -19.54 23.25 18.47
C MET A 259 -19.20 24.35 19.47
N GLU A 260 -18.15 25.13 19.19
CA GLU A 260 -17.78 26.30 19.99
C GLU A 260 -18.56 27.56 19.62
N GLY A 261 -19.53 27.46 18.72
CA GLY A 261 -20.32 28.60 18.28
C GLY A 261 -19.58 29.57 17.41
N LEU A 262 -18.51 29.14 16.76
CA LEU A 262 -17.61 30.05 16.08
C LEU A 262 -17.87 30.13 14.59
N THR A 263 -18.61 29.16 14.03
CA THR A 263 -18.98 29.16 12.64
C THR A 263 -20.23 28.29 12.51
N ASP A 264 -20.93 28.43 11.39
CA ASP A 264 -21.99 27.48 11.06
C ASP A 264 -21.40 26.16 10.58
N LEU A 265 -22.01 25.06 10.99
CA LEU A 265 -21.62 23.77 10.43
C LEU A 265 -22.31 23.67 9.08
N GLU A 266 -21.80 24.44 8.14
CA GLU A 266 -22.21 24.41 6.74
C GLU A 266 -21.04 23.85 5.93
N LEU A 267 -21.23 22.67 5.37
CA LEU A 267 -20.27 22.05 4.47
C LEU A 267 -20.87 21.98 3.07
N ARG A 268 -20.04 22.18 2.07
CA ARG A 268 -20.49 22.05 0.69
C ARG A 268 -20.21 20.65 0.19
N LEU A 269 -21.24 20.04 -0.41
CA LEU A 269 -21.11 18.73 -1.02
C LEU A 269 -20.01 18.75 -2.08
N PRO A 270 -19.19 17.69 -2.18
CA PRO A 270 -19.42 16.34 -1.63
C PRO A 270 -19.04 16.11 -0.15
N LEU A 271 -18.61 17.13 0.59
CA LEU A 271 -18.39 16.96 2.03
C LEU A 271 -19.72 16.88 2.79
N ALA A 272 -19.77 16.04 3.81
CA ALA A 272 -20.96 15.77 4.59
C ALA A 272 -20.58 15.71 6.06
N PRO A 273 -21.53 15.93 6.98
CA PRO A 273 -21.22 15.89 8.42
C PRO A 273 -20.73 14.54 8.88
N LEU A 274 -20.09 14.53 10.04
CA LEU A 274 -19.52 13.31 10.61
C LEU A 274 -20.59 12.28 10.90
N GLN A 275 -20.22 11.01 10.80
CA GLN A 275 -21.06 9.94 11.33
C GLN A 275 -21.18 10.10 12.84
N PRO A 276 -22.33 9.76 13.44
CA PRO A 276 -22.58 10.14 14.84
C PRO A 276 -21.54 9.65 15.83
N GLN A 277 -21.01 8.44 15.63
CA GLN A 277 -20.00 7.94 16.55
C GLN A 277 -18.72 8.76 16.47
N ASN A 278 -18.38 9.29 15.30
CA ASN A 278 -17.17 10.08 15.16
C ASN A 278 -17.39 11.48 15.71
N LEU A 279 -18.61 12.00 15.56
CA LEU A 279 -18.99 13.25 16.20
C LEU A 279 -18.82 13.14 17.71
N GLU A 280 -19.28 12.04 18.31
CA GLU A 280 -19.19 11.89 19.76
C GLU A 280 -17.74 11.79 20.20
N LYS A 281 -16.95 10.99 19.47
CA LYS A 281 -15.53 10.89 19.77
C LYS A 281 -14.86 12.25 19.69
N LEU A 282 -15.14 13.02 18.63
CA LEU A 282 -14.57 14.36 18.49
C LEU A 282 -14.99 15.24 19.66
N LYS A 283 -16.28 15.24 19.98
CA LYS A 283 -16.79 16.03 21.08
C LYS A 283 -16.08 15.70 22.39
N THR A 284 -15.98 14.41 22.71
CA THR A 284 -15.33 14.04 23.96
C THR A 284 -13.84 14.39 23.92
N THR A 285 -13.14 14.14 22.79
CA THR A 285 -11.74 14.53 22.69
C THR A 285 -11.57 16.06 22.86
N LEU A 286 -12.45 16.84 22.26
CA LEU A 286 -12.39 18.30 22.42
C LEU A 286 -12.42 18.71 23.89
N SER A 287 -13.39 18.16 24.65
CA SER A 287 -13.51 18.53 26.06
C SER A 287 -12.25 18.17 26.84
N ARG A 288 -11.76 16.95 26.66
CA ARG A 288 -10.57 16.48 27.37
C ARG A 288 -9.36 17.34 27.06
N THR A 289 -9.23 17.78 25.81
CA THR A 289 -8.09 18.58 25.40
C THR A 289 -8.04 19.92 26.11
N LYS A 290 -9.20 20.56 26.25
CA LYS A 290 -9.25 21.87 26.89
C LYS A 290 -8.76 21.79 28.32
N GLU A 291 -9.26 20.80 29.07
CA GLU A 291 -8.84 20.65 30.46
C GLU A 291 -7.36 20.25 30.53
N LYS A 292 -6.90 19.36 29.66
CA LYS A 292 -5.48 18.97 29.73
C LYS A 292 -4.56 20.16 29.40
N LEU A 293 -4.93 20.96 28.40
CA LEU A 293 -4.17 22.16 28.07
C LEU A 293 -4.11 23.13 29.24
N ALA A 294 -5.21 23.26 30.00
CA ALA A 294 -5.21 24.14 31.15
C ALA A 294 -4.21 23.68 32.20
N LYS A 295 -3.99 22.37 32.32
CA LYS A 295 -3.08 21.84 33.31
C LYS A 295 -1.62 22.01 32.90
N VAL A 296 -1.34 22.28 31.62
CA VAL A 296 0.04 22.54 31.20
C VAL A 296 0.11 23.96 30.65
N GLU A 297 -0.69 24.87 31.22
CA GLU A 297 -0.78 26.22 30.70
C GLU A 297 0.57 26.94 30.73
N HIS A 298 1.45 26.58 31.67
CA HIS A 298 2.75 27.22 31.74
C HIS A 298 3.59 26.94 30.49
N LEU A 299 3.24 25.92 29.70
CA LEU A 299 4.01 25.61 28.50
C LEU A 299 3.66 26.50 27.32
N TRP A 300 2.45 27.06 27.27
CA TRP A 300 2.02 27.73 26.04
C TRP A 300 1.46 29.13 26.21
N ALA A 301 1.09 29.56 27.41
CA ALA A 301 0.38 30.84 27.58
C ALA A 301 1.27 32.09 27.54
N LYS B 2 15.24 -0.99 33.47
CA LYS B 2 15.65 0.23 32.74
C LYS B 2 16.21 -0.07 31.35
N ILE B 3 15.36 0.02 30.34
CA ILE B 3 15.77 -0.22 28.96
C ILE B 3 15.84 1.11 28.24
N GLN B 4 17.05 1.58 27.98
CA GLN B 4 17.18 2.87 27.33
C GLN B 4 18.54 2.89 26.63
N GLY B 5 18.65 3.70 25.57
CA GLY B 5 19.95 3.76 24.91
C GLY B 5 20.08 2.98 23.61
N THR B 6 21.27 2.45 23.32
CA THR B 6 21.55 1.84 22.02
C THR B 6 21.86 0.37 22.19
N TYR B 7 21.10 -0.48 21.51
CA TYR B 7 21.32 -1.91 21.52
C TYR B 7 21.63 -2.35 20.11
N THR B 8 22.68 -3.15 19.95
CA THR B 8 23.13 -3.52 18.62
C THR B 8 22.60 -4.90 18.26
N ALA B 9 21.83 -4.98 17.17
CA ALA B 9 21.47 -6.24 16.52
C ALA B 9 22.69 -6.71 15.73
N ILE B 10 23.50 -7.61 16.31
CA ILE B 10 24.79 -7.98 15.72
C ILE B 10 24.57 -8.94 14.55
N ILE B 11 25.46 -8.83 13.56
CA ILE B 11 25.57 -9.87 12.56
C ILE B 11 25.99 -11.17 13.22
N SER B 12 25.76 -12.29 12.51
CA SER B 12 26.37 -13.55 12.86
C SER B 12 27.59 -13.78 11.97
N PRO B 13 28.82 -13.60 12.46
CA PRO B 13 29.99 -13.80 11.60
C PRO B 13 30.24 -15.28 11.30
N PHE B 14 30.42 -15.59 10.01
CA PHE B 14 30.67 -16.94 9.52
C PHE B 14 32.08 -17.09 8.92
N HIS B 15 32.62 -18.30 9.03
CA HIS B 15 33.89 -18.64 8.40
C HIS B 15 33.88 -20.12 8.03
N ASN B 16 34.02 -20.44 6.74
CA ASN B 16 34.05 -21.83 6.29
C ASN B 16 32.81 -22.60 6.77
N GLY B 17 31.64 -21.99 6.57
CA GLY B 17 30.38 -22.62 6.91
C GLY B 17 30.07 -22.71 8.40
N GLN B 18 30.83 -22.07 9.27
CA GLN B 18 30.52 -22.17 10.69
C GLN B 18 30.64 -20.80 11.35
N ILE B 19 30.12 -20.71 12.59
CA ILE B 19 30.24 -19.49 13.39
C ILE B 19 31.72 -19.17 13.60
N ASP B 20 32.09 -17.93 13.30
CA ASP B 20 33.46 -17.43 13.47
C ASP B 20 33.57 -16.84 14.88
N ARG B 21 34.06 -17.64 15.82
CA ARG B 21 34.08 -17.20 17.21
C ARG B 21 35.06 -16.05 17.41
N LYS B 22 36.19 -16.12 16.70
CA LYS B 22 37.22 -15.10 16.82
C LYS B 22 36.67 -13.77 16.32
N ALA B 23 35.99 -13.78 15.17
CA ALA B 23 35.36 -12.56 14.65
C ALA B 23 34.27 -12.06 15.59
N LEU B 24 33.47 -12.98 16.12
CA LEU B 24 32.44 -12.62 17.07
C LEU B 24 33.03 -11.95 18.29
N GLU B 25 34.15 -12.50 18.83
CA GLU B 25 34.82 -11.87 19.97
C GLU B 25 35.19 -10.43 19.65
N ARG B 26 35.81 -10.21 18.50
CA ARG B 26 36.24 -8.88 18.10
C ARG B 26 35.06 -7.92 17.96
N LEU B 27 34.00 -8.34 17.27
CA LEU B 27 32.84 -7.47 17.09
C LEU B 27 32.24 -7.03 18.42
N LEU B 28 32.14 -7.98 19.36
CA LEU B 28 31.53 -7.69 20.66
C LEU B 28 32.39 -6.71 21.47
N GLU B 29 33.70 -6.92 21.50
CA GLU B 29 34.58 -5.99 22.21
C GLU B 29 34.50 -4.59 21.60
N HIS B 30 34.46 -4.50 20.26
CA HIS B 30 34.30 -3.21 19.59
C HIS B 30 33.01 -2.51 20.01
N GLN B 31 31.93 -3.28 20.24
CA GLN B 31 30.69 -2.68 20.75
C GLN B 31 30.87 -2.18 22.18
N ILE B 32 31.40 -3.04 23.07
CA ILE B 32 31.50 -2.67 24.49
C ILE B 32 32.34 -1.41 24.69
N GLU B 33 33.41 -1.24 23.89
CA GLU B 33 34.32 -0.10 23.96
C GLU B 33 33.75 1.15 23.32
N ASN B 34 32.56 1.10 22.74
CA ASN B 34 32.06 2.25 22.01
C ASN B 34 30.67 2.64 22.48
N ARG B 35 30.47 2.53 23.80
CA ARG B 35 29.34 3.12 24.53
C ARG B 35 27.99 2.50 24.16
N ILE B 36 28.01 1.21 23.83
CA ILE B 36 26.82 0.44 23.50
C ILE B 36 26.22 -0.13 24.80
N ASP B 37 24.89 -0.01 24.94
CA ASP B 37 24.20 -0.43 26.15
C ASP B 37 23.89 -1.92 26.18
N GLY B 38 23.82 -2.58 25.03
CA GLY B 38 23.52 -4.00 25.04
C GLY B 38 23.57 -4.58 23.65
N ILE B 39 23.34 -5.90 23.59
CA ILE B 39 23.47 -6.68 22.37
C ILE B 39 22.19 -7.48 22.16
N VAL B 40 21.75 -7.55 20.90
CA VAL B 40 20.65 -8.43 20.50
C VAL B 40 21.24 -9.48 19.55
N PRO B 41 21.63 -10.65 20.05
CA PRO B 41 22.12 -11.69 19.15
C PRO B 41 20.98 -12.41 18.46
N VAL B 42 21.29 -12.97 17.29
CA VAL B 42 20.40 -13.87 16.54
C VAL B 42 19.00 -13.28 16.31
N GLY B 43 18.94 -12.05 15.81
CA GLY B 43 17.76 -11.52 15.16
C GLY B 43 17.89 -11.62 13.66
N THR B 44 17.19 -10.73 12.95
CA THR B 44 17.27 -10.70 11.49
C THR B 44 18.69 -10.43 11.02
N THR B 45 19.32 -9.43 11.63
CA THR B 45 20.68 -9.04 11.25
C THR B 45 21.67 -10.18 11.47
N GLY B 46 21.40 -11.06 12.44
CA GLY B 46 22.22 -12.25 12.66
C GLY B 46 21.82 -13.46 11.83
N GLU B 47 21.00 -13.27 10.79
CA GLU B 47 20.60 -14.35 9.88
C GLU B 47 20.01 -15.54 10.63
N SER B 48 19.19 -15.28 11.65
CA SER B 48 18.54 -16.36 12.39
C SER B 48 17.85 -17.40 11.53
N PRO B 49 17.20 -17.07 10.40
CA PRO B 49 16.55 -18.13 9.61
C PRO B 49 17.49 -19.22 9.13
N THR B 50 18.76 -18.91 8.85
CA THR B 50 19.68 -19.89 8.28
C THR B 50 20.65 -20.47 9.30
N LEU B 51 20.47 -20.15 10.58
CA LEU B 51 21.18 -20.86 11.63
C LEU B 51 20.46 -22.16 11.95
N SER B 52 21.21 -23.20 12.23
CA SER B 52 20.57 -24.37 12.81
C SER B 52 20.12 -24.03 14.23
N TYR B 53 19.22 -24.87 14.77
CA TYR B 53 18.74 -24.64 16.13
C TYR B 53 19.90 -24.60 17.11
N GLU B 54 20.80 -25.58 17.00
CA GLU B 54 21.97 -25.63 17.85
C GLU B 54 22.88 -24.40 17.64
N GLU B 55 22.99 -23.90 16.40
CA GLU B 55 23.75 -22.67 16.18
C GLU B 55 23.08 -21.48 16.86
N HIS B 56 21.74 -21.43 16.82
CA HIS B 56 20.98 -20.38 17.48
C HIS B 56 21.33 -20.33 18.96
N ILE B 57 21.32 -21.49 19.63
CA ILE B 57 21.66 -21.50 21.05
C ILE B 57 23.12 -21.17 21.25
N GLU B 58 23.99 -21.68 20.37
CA GLU B 58 25.43 -21.49 20.53
C GLU B 58 25.83 -20.03 20.36
N LEU B 59 25.23 -19.33 19.40
CA LEU B 59 25.55 -17.91 19.25
C LEU B 59 25.13 -17.14 20.49
N VAL B 60 23.99 -17.52 21.09
CA VAL B 60 23.57 -16.87 22.31
C VAL B 60 24.51 -17.22 23.46
N ARG B 61 24.96 -18.47 23.53
CA ARG B 61 25.91 -18.84 24.58
C ARG B 61 27.22 -18.08 24.44
N LEU B 62 27.77 -18.02 23.22
CA LEU B 62 29.03 -17.32 23.01
C LEU B 62 28.92 -15.84 23.33
N THR B 63 27.82 -15.20 22.94
CA THR B 63 27.65 -13.78 23.26
C THR B 63 27.69 -13.56 24.77
N ALA B 64 26.95 -14.38 25.52
CA ALA B 64 26.94 -14.26 26.97
C ALA B 64 28.34 -14.52 27.55
N GLU B 65 29.01 -15.58 27.09
CA GLU B 65 30.36 -15.91 27.58
C GLU B 65 31.38 -14.81 27.27
N ILE B 66 31.32 -14.24 26.08
CA ILE B 66 32.22 -13.15 25.74
C ILE B 66 31.87 -11.90 26.54
N VAL B 67 30.58 -11.59 26.66
CA VAL B 67 30.17 -10.31 27.22
C VAL B 67 30.42 -10.26 28.74
N GLU B 68 30.29 -11.40 29.46
CA GLU B 68 30.29 -11.45 30.95
C GLU B 68 29.59 -10.33 31.63
N LYS B 69 28.32 -10.13 31.31
CA LYS B 69 27.53 -9.23 32.12
C LYS B 69 28.03 -7.79 32.07
N ARG B 70 28.99 -7.49 31.19
CA ARG B 70 29.43 -6.11 31.11
C ARG B 70 28.38 -5.21 30.47
N ILE B 71 27.66 -5.72 29.46
CA ILE B 71 26.51 -5.00 28.93
C ILE B 71 25.35 -5.98 28.79
N LYS B 72 24.16 -5.42 28.52
CA LYS B 72 22.94 -6.21 28.54
C LYS B 72 22.84 -7.08 27.29
N ILE B 73 22.14 -8.20 27.44
CA ILE B 73 21.83 -9.07 26.31
C ILE B 73 20.34 -9.35 26.29
N PHE B 74 19.67 -9.00 25.17
CA PHE B 74 18.32 -9.46 24.88
C PHE B 74 18.39 -10.39 23.66
N ALA B 75 18.28 -11.70 23.90
CA ALA B 75 18.41 -12.65 22.80
C ALA B 75 17.13 -12.74 21.96
N GLY B 76 17.31 -12.83 20.65
CA GLY B 76 16.20 -13.11 19.77
C GLY B 76 15.78 -14.56 19.91
N THR B 77 14.56 -14.80 20.43
CA THR B 77 14.09 -16.17 20.65
C THR B 77 12.69 -16.35 20.08
N GLY B 78 12.25 -15.44 19.21
CA GLY B 78 10.92 -15.57 18.64
C GLY B 78 10.87 -16.60 17.55
N SER B 79 9.64 -16.97 17.20
CA SER B 79 9.37 -17.98 16.19
C SER B 79 7.95 -17.78 15.73
N ASN B 80 7.62 -18.31 14.58
CA ASN B 80 6.21 -18.32 14.23
C ASN B 80 5.49 -19.55 14.75
N SER B 81 6.18 -20.41 15.51
CA SER B 81 5.55 -21.43 16.36
C SER B 81 5.67 -21.01 17.83
N THR B 82 4.54 -20.94 18.53
CA THR B 82 4.56 -20.55 19.94
C THR B 82 5.39 -21.53 20.78
N ALA B 83 5.19 -22.83 20.58
CA ALA B 83 5.96 -23.85 21.29
C ALA B 83 7.46 -23.71 21.03
N GLU B 84 7.84 -23.39 19.80
CA GLU B 84 9.26 -23.21 19.50
C GLU B 84 9.83 -21.98 20.19
N ALA B 85 9.05 -20.89 20.24
CA ALA B 85 9.54 -19.69 20.91
C ALA B 85 9.73 -19.93 22.40
N ILE B 86 8.80 -20.66 23.01
CA ILE B 86 8.92 -20.99 24.44
C ILE B 86 10.22 -21.75 24.70
N HIS B 87 10.51 -22.75 23.86
CA HIS B 87 11.73 -23.54 24.02
C HIS B 87 12.97 -22.69 23.81
N LEU B 88 13.00 -21.85 22.77
CA LEU B 88 14.15 -20.98 22.57
C LEU B 88 14.35 -20.05 23.74
N THR B 89 13.25 -19.53 24.28
CA THR B 89 13.32 -18.58 25.39
C THR B 89 13.88 -19.25 26.64
N LYS B 90 13.46 -20.49 26.90
CA LYS B 90 13.99 -21.20 28.05
C LYS B 90 15.48 -21.50 27.89
N GLU B 91 15.92 -21.85 26.68
CA GLU B 91 17.34 -22.07 26.48
C GLU B 91 18.13 -20.79 26.76
N ALA B 92 17.59 -19.64 26.36
CA ALA B 92 18.23 -18.35 26.65
C ALA B 92 18.24 -18.08 28.14
N GLU B 93 17.14 -18.39 28.84
CA GLU B 93 17.12 -18.21 30.29
C GLU B 93 18.19 -19.07 30.96
N LYS B 94 18.39 -20.30 30.45
CA LYS B 94 19.42 -21.16 31.02
C LYS B 94 20.82 -20.62 30.77
N ILE B 95 21.05 -20.00 29.60
CA ILE B 95 22.35 -19.39 29.32
C ILE B 95 22.61 -18.24 30.28
N GLY B 96 21.56 -17.48 30.61
CA GLY B 96 21.66 -16.40 31.57
C GLY B 96 21.62 -14.99 30.99
N VAL B 97 20.67 -14.70 30.09
CA VAL B 97 20.56 -13.39 29.47
C VAL B 97 19.76 -12.40 30.31
N ASP B 98 19.74 -11.14 29.89
CA ASP B 98 18.94 -10.16 30.62
C ASP B 98 17.50 -10.17 30.19
N GLY B 99 17.21 -10.70 29.02
CA GLY B 99 15.86 -10.63 28.51
C GLY B 99 15.81 -11.21 27.13
N VAL B 100 14.63 -11.13 26.56
CA VAL B 100 14.41 -11.75 25.27
C VAL B 100 13.64 -10.79 24.37
N LEU B 101 13.96 -10.82 23.08
CA LEU B 101 13.26 -10.05 22.07
C LEU B 101 12.48 -11.01 21.18
N LEU B 102 11.17 -10.81 21.07
CA LEU B 102 10.27 -11.74 20.39
C LEU B 102 9.61 -11.07 19.18
N VAL B 103 10.13 -11.41 18.00
CA VAL B 103 9.50 -10.95 16.78
C VAL B 103 8.11 -11.55 16.69
N SER B 104 7.20 -10.79 16.08
CA SER B 104 5.88 -11.34 15.89
C SER B 104 5.94 -12.51 14.92
N PRO B 105 5.07 -13.51 15.08
CA PRO B 105 5.03 -14.62 14.13
C PRO B 105 4.99 -14.12 12.70
N TYR B 106 5.86 -14.66 11.85
CA TYR B 106 5.96 -14.28 10.46
C TYR B 106 5.26 -15.36 9.63
N TYR B 107 4.74 -14.95 8.47
CA TYR B 107 4.22 -15.90 7.48
C TYR B 107 2.84 -16.47 7.79
N ASN B 108 2.55 -16.94 9.02
CA ASN B 108 1.22 -17.51 9.24
C ASN B 108 0.16 -16.48 9.64
N ARG B 109 0.55 -15.22 9.80
CA ARG B 109 -0.37 -14.09 9.97
C ARG B 109 -1.48 -14.30 11.01
N PRO B 110 -1.14 -14.55 12.26
CA PRO B 110 -2.19 -14.79 13.26
C PRO B 110 -3.07 -13.54 13.46
N SER B 111 -4.29 -13.79 13.89
CA SER B 111 -5.18 -12.72 14.31
C SER B 111 -4.61 -12.03 15.56
N GLN B 112 -5.19 -10.87 15.91
CA GLN B 112 -4.74 -10.13 17.09
C GLN B 112 -4.87 -10.96 18.35
N GLU B 113 -5.96 -11.70 18.46
CA GLU B 113 -6.12 -12.60 19.58
C GLU B 113 -5.07 -13.71 19.55
N GLY B 114 -4.77 -14.21 18.35
CA GLY B 114 -3.66 -15.14 18.23
C GLY B 114 -2.34 -14.56 18.71
N LEU B 115 -2.04 -13.31 18.33
CA LEU B 115 -0.83 -12.65 18.80
C LEU B 115 -0.86 -12.49 20.32
N PHE B 116 -2.01 -12.12 20.89
CA PHE B 116 -2.14 -12.01 22.34
C PHE B 116 -1.80 -13.33 23.03
N ARG B 117 -2.36 -14.43 22.54
CA ARG B 117 -2.11 -15.72 23.18
C ARG B 117 -0.69 -16.20 22.95
N HIS B 118 -0.14 -15.93 21.77
CA HIS B 118 1.24 -16.32 21.45
C HIS B 118 2.20 -15.68 22.44
N PHE B 119 2.17 -14.35 22.51
CA PHE B 119 3.09 -13.63 23.38
C PHE B 119 2.79 -13.89 24.85
N SER B 120 1.51 -14.03 25.23
CA SER B 120 1.15 -14.34 26.61
C SER B 120 1.69 -15.70 27.04
N ALA B 121 1.61 -16.71 26.16
CA ALA B 121 2.11 -18.02 26.54
C ALA B 121 3.62 -18.01 26.76
N ILE B 122 4.37 -17.29 25.93
CA ILE B 122 5.80 -17.23 26.13
C ILE B 122 6.11 -16.48 27.42
N ALA B 123 5.44 -15.34 27.64
CA ALA B 123 5.69 -14.57 28.87
C ALA B 123 5.41 -15.39 30.11
N ALA B 124 4.30 -16.13 30.12
CA ALA B 124 3.98 -16.96 31.27
C ALA B 124 4.98 -18.10 31.44
N SER B 125 5.72 -18.44 30.40
CA SER B 125 6.65 -19.54 30.50
C SER B 125 8.01 -19.15 31.07
N THR B 126 8.30 -17.87 31.25
CA THR B 126 9.66 -17.44 31.57
C THR B 126 9.61 -16.37 32.65
N SER B 127 10.70 -16.26 33.38
CA SER B 127 10.85 -15.11 34.25
C SER B 127 11.56 -13.94 33.57
N LEU B 128 12.09 -14.12 32.36
CA LEU B 128 12.82 -13.04 31.71
C LEU B 128 11.89 -11.88 31.33
N PRO B 129 12.40 -10.63 31.39
CA PRO B 129 11.72 -9.53 30.71
C PRO B 129 11.68 -9.75 29.21
N ILE B 130 10.64 -9.22 28.58
CA ILE B 130 10.36 -9.45 27.16
C ILE B 130 10.17 -8.12 26.42
N LEU B 131 10.86 -7.97 25.31
CA LEU B 131 10.60 -6.91 24.35
C LEU B 131 9.83 -7.51 23.18
N LEU B 132 8.65 -6.95 22.89
CA LEU B 132 7.99 -7.29 21.65
C LEU B 132 8.76 -6.67 20.49
N TYR B 133 8.53 -7.18 19.29
CA TYR B 133 9.23 -6.73 18.08
C TYR B 133 8.22 -6.74 16.94
N ASN B 134 7.77 -5.54 16.55
CA ASN B 134 6.75 -5.35 15.52
C ASN B 134 7.44 -4.99 14.21
N ILE B 135 7.34 -5.88 13.21
CA ILE B 135 7.89 -5.57 11.89
C ILE B 135 7.05 -6.19 10.77
N PRO B 136 5.93 -5.54 10.41
CA PRO B 136 5.01 -6.09 9.40
C PRO B 136 5.64 -6.29 8.01
N SER B 137 6.59 -5.46 7.59
CA SER B 137 7.17 -5.63 6.25
C SER B 137 7.84 -6.99 6.11
N ARG B 138 8.37 -7.54 7.20
CA ARG B 138 8.93 -8.88 7.14
C ARG B 138 7.96 -9.96 7.62
N CYS B 139 7.00 -9.61 8.48
CA CYS B 139 6.16 -10.62 9.10
C CYS B 139 4.83 -10.79 8.39
N GLY B 140 4.32 -9.74 7.75
CA GLY B 140 2.99 -9.84 7.19
C GLY B 140 1.90 -9.61 8.19
N VAL B 141 2.23 -9.19 9.40
CA VAL B 141 1.24 -8.91 10.44
C VAL B 141 1.80 -7.81 11.32
N ASP B 142 0.89 -7.05 11.92
CA ASP B 142 1.22 -5.95 12.80
C ASP B 142 0.67 -6.24 14.20
N ILE B 143 1.40 -5.84 15.24
CA ILE B 143 0.91 -5.91 16.62
C ILE B 143 0.11 -4.64 16.89
N ALA B 144 -1.22 -4.76 16.92
CA ALA B 144 -2.06 -3.59 17.12
C ALA B 144 -1.79 -2.96 18.47
N VAL B 145 -1.97 -1.63 18.55
CA VAL B 145 -1.72 -0.91 19.79
C VAL B 145 -2.51 -1.52 20.94
N ASP B 146 -3.80 -1.79 20.72
CA ASP B 146 -4.62 -2.36 21.80
C ASP B 146 -4.13 -3.74 22.20
N THR B 147 -3.56 -4.51 21.25
CA THR B 147 -2.97 -5.80 21.62
C THR B 147 -1.73 -5.60 22.50
N VAL B 148 -0.83 -4.67 22.12
CA VAL B 148 0.28 -4.35 23.02
C VAL B 148 -0.25 -3.96 24.39
N LYS B 149 -1.30 -3.13 24.42
CA LYS B 149 -1.84 -2.66 25.69
C LYS B 149 -2.37 -3.81 26.55
N ARG B 150 -3.13 -4.73 25.96
CA ARG B 150 -3.59 -5.90 26.73
C ARG B 150 -2.42 -6.79 27.18
N LEU B 151 -1.43 -6.99 26.31
CA LEU B 151 -0.28 -7.83 26.67
C LEU B 151 0.41 -7.30 27.91
N VAL B 152 0.58 -5.98 27.99
CA VAL B 152 1.30 -5.39 29.12
C VAL B 152 0.42 -5.42 30.37
N GLU B 153 -0.89 -5.18 30.22
CA GLU B 153 -1.84 -5.31 31.34
C GLU B 153 -1.80 -6.71 31.96
N LYS B 154 -1.74 -7.75 31.13
CA LYS B 154 -1.93 -9.13 31.61
C LYS B 154 -0.62 -9.93 31.74
N ASN B 155 0.52 -9.35 31.39
CA ASN B 155 1.83 -10.01 31.46
C ASN B 155 2.81 -9.00 32.03
N LYS B 156 3.10 -9.09 33.33
CA LYS B 156 3.98 -8.09 33.93
C LYS B 156 5.41 -8.10 33.37
N ASN B 157 5.86 -9.19 32.77
CA ASN B 157 7.20 -9.21 32.21
C ASN B 157 7.28 -8.75 30.74
N ILE B 158 6.21 -8.22 30.15
CA ILE B 158 6.31 -7.58 28.84
C ILE B 158 6.58 -6.10 29.10
N VAL B 159 7.81 -5.65 28.84
CA VAL B 159 8.27 -4.37 29.34
C VAL B 159 8.62 -3.38 28.24
N GLY B 160 8.58 -3.79 26.98
CA GLY B 160 8.88 -2.85 25.90
C GLY B 160 8.66 -3.46 24.54
N ILE B 161 9.04 -2.68 23.52
CA ILE B 161 8.82 -3.05 22.13
C ILE B 161 9.89 -2.40 21.24
N LYS B 162 10.44 -3.20 20.34
CA LYS B 162 11.16 -2.72 19.18
C LYS B 162 10.11 -2.47 18.11
N GLU B 163 9.81 -1.21 17.87
CA GLU B 163 8.77 -0.79 16.93
C GLU B 163 9.43 -0.51 15.59
N ALA B 164 9.25 -1.44 14.63
CA ALA B 164 9.84 -1.31 13.30
C ALA B 164 8.77 -1.32 12.22
N GLY B 165 7.59 -0.78 12.53
CA GLY B 165 6.48 -0.64 11.60
C GLY B 165 6.62 0.50 10.63
N GLY B 166 7.73 1.23 10.69
CA GLY B 166 7.98 2.35 9.80
C GLY B 166 7.12 3.58 10.04
N SER B 167 6.52 3.72 11.22
CA SER B 167 5.54 4.77 11.44
C SER B 167 5.81 5.46 12.77
N VAL B 168 6.20 6.74 12.72
CA VAL B 168 6.42 7.44 13.97
C VAL B 168 5.10 7.71 14.67
N ASP B 169 4.02 7.88 13.91
CA ASP B 169 2.71 8.06 14.52
C ASP B 169 2.35 6.87 15.42
N ARG B 170 2.77 5.66 15.06
CA ARG B 170 2.54 4.49 15.91
C ARG B 170 3.12 4.70 17.31
N VAL B 171 4.25 5.39 17.41
CA VAL B 171 4.88 5.67 18.70
C VAL B 171 3.99 6.59 19.53
N SER B 172 3.45 7.65 18.92
CA SER B 172 2.55 8.53 19.66
C SER B 172 1.34 7.76 20.19
N GLN B 173 0.83 6.82 19.41
CA GLN B 173 -0.29 6.01 19.87
C GLN B 173 0.12 5.09 21.01
N LEU B 174 1.29 4.47 20.91
CA LEU B 174 1.75 3.58 21.98
C LEU B 174 1.92 4.34 23.30
N VAL B 175 2.54 5.52 23.25
CA VAL B 175 2.74 6.29 24.48
C VAL B 175 1.41 6.72 25.07
N GLU B 176 0.46 7.11 24.21
CA GLU B 176 -0.88 7.41 24.67
C GLU B 176 -1.54 6.22 25.34
N ALA B 177 -1.35 5.03 24.80
CA ALA B 177 -2.14 3.91 25.29
C ALA B 177 -1.47 3.17 26.45
N LEU B 178 -0.17 3.36 26.62
CA LEU B 178 0.62 2.50 27.50
C LEU B 178 1.24 3.28 28.64
N PRO B 179 1.59 2.59 29.74
CA PRO B 179 2.22 3.30 30.87
C PRO B 179 3.56 3.89 30.45
N GLY B 180 3.89 5.05 31.03
CA GLY B 180 5.15 5.73 30.72
C GLY B 180 6.38 4.87 30.92
N GLU B 181 6.28 3.89 31.82
CA GLU B 181 7.36 2.94 32.12
C GLU B 181 7.64 1.96 30.96
N PHE B 182 6.70 1.79 30.04
CA PHE B 182 6.89 0.90 28.91
C PHE B 182 7.95 1.50 27.98
N SER B 183 8.93 0.70 27.55
CA SER B 183 10.08 1.24 26.80
C SER B 183 9.90 0.95 25.32
N ILE B 184 9.74 2.01 24.53
CA ILE B 184 9.60 1.91 23.09
C ILE B 184 10.97 2.20 22.47
N LEU B 185 11.48 1.25 21.70
CA LEU B 185 12.78 1.38 21.02
C LEU B 185 12.56 1.47 19.51
N SER B 186 13.29 2.37 18.88
CA SER B 186 13.31 2.40 17.42
C SER B 186 13.88 1.08 16.91
N GLY B 187 13.25 0.56 15.86
CA GLY B 187 13.81 -0.55 15.11
C GLY B 187 14.34 -0.14 13.75
N ASP B 188 14.53 1.15 13.50
CA ASP B 188 14.94 1.62 12.18
C ASP B 188 15.84 2.81 12.43
N ASP B 189 17.14 2.69 12.10
CA ASP B 189 18.10 3.72 12.48
C ASP B 189 17.68 5.09 11.98
N ALA B 190 17.10 5.16 10.77
CA ALA B 190 16.70 6.43 10.17
C ALA B 190 15.54 7.10 10.88
N LEU B 191 14.76 6.36 11.67
CA LEU B 191 13.63 6.92 12.41
C LEU B 191 13.93 7.11 13.89
N THR B 192 15.14 6.77 14.35
CA THR B 192 15.45 6.86 15.77
C THR B 192 15.19 8.26 16.32
N LEU B 193 15.76 9.30 15.68
CA LEU B 193 15.59 10.65 16.21
C LEU B 193 14.13 11.08 16.25
N PRO B 194 13.33 10.92 15.19
CA PRO B 194 11.91 11.25 15.32
C PRO B 194 11.17 10.39 16.35
N PHE B 195 11.54 9.11 16.52
CA PHE B 195 10.88 8.32 17.56
C PHE B 195 11.19 8.91 18.94
N LEU B 196 12.47 9.19 19.20
CA LEU B 196 12.86 9.82 20.46
C LEU B 196 12.07 11.10 20.72
N SER B 197 11.85 11.91 19.66
CA SER B 197 11.21 13.20 19.90
C SER B 197 9.79 13.05 20.48
N VAL B 198 9.11 11.93 20.20
CA VAL B 198 7.76 11.72 20.71
C VAL B 198 7.71 10.65 21.79
N GLY B 199 8.85 10.25 22.36
CA GLY B 199 8.81 9.47 23.60
C GLY B 199 9.48 8.10 23.57
N ALA B 200 10.02 7.62 22.46
CA ALA B 200 10.86 6.42 22.53
C ALA B 200 12.10 6.71 23.38
N VAL B 201 12.79 5.65 23.80
CA VAL B 201 13.91 5.81 24.73
C VAL B 201 15.18 5.13 24.23
N GLY B 202 15.21 4.70 22.97
CA GLY B 202 16.44 4.13 22.46
C GLY B 202 16.23 3.43 21.14
N VAL B 203 17.21 2.59 20.77
CA VAL B 203 17.25 1.93 19.47
C VAL B 203 17.86 0.55 19.60
N VAL B 204 17.26 -0.40 18.89
CA VAL B 204 17.91 -1.63 18.49
C VAL B 204 18.38 -1.37 17.07
N SER B 205 19.70 -1.20 16.90
CA SER B 205 20.30 -0.56 15.74
C SER B 205 21.02 -1.56 14.87
N VAL B 206 20.93 -1.37 13.55
CA VAL B 206 21.81 -2.07 12.63
C VAL B 206 23.10 -1.28 12.43
N ALA B 207 22.98 0.04 12.24
CA ALA B 207 24.14 0.87 11.93
C ALA B 207 25.18 0.83 13.03
N SER B 208 24.76 0.60 14.29
CA SER B 208 25.74 0.58 15.36
C SER B 208 26.76 -0.54 15.20
N ASN B 209 26.50 -1.53 14.35
CA ASN B 209 27.52 -2.53 13.99
C ASN B 209 28.78 -1.90 13.44
N LEU B 210 28.63 -0.81 12.66
CA LEU B 210 29.74 -0.11 12.01
C LEU B 210 30.18 1.12 12.77
N PHE B 211 29.22 1.91 13.26
CA PHE B 211 29.47 3.20 13.90
C PHE B 211 28.81 3.20 15.29
N PRO B 212 29.30 2.37 16.20
CA PRO B 212 28.66 2.30 17.54
C PRO B 212 28.71 3.62 18.30
N ARG B 213 29.86 4.29 18.33
CA ARG B 213 29.91 5.53 19.10
C ARG B 213 29.01 6.61 18.52
N PRO B 214 29.06 6.91 17.20
CA PRO B 214 28.15 7.95 16.68
C PRO B 214 26.68 7.60 16.85
N VAL B 215 26.25 6.36 16.58
CA VAL B 215 24.82 6.03 16.75
C VAL B 215 24.45 6.18 18.22
N SER B 216 25.27 5.65 19.10
CA SER B 216 25.01 5.75 20.53
C SER B 216 24.98 7.21 20.98
N ALA B 217 25.88 8.05 20.44
CA ALA B 217 25.87 9.47 20.79
C ALA B 217 24.61 10.18 20.30
N LEU B 218 24.11 9.80 19.12
CA LEU B 218 22.88 10.41 18.62
C LEU B 218 21.76 10.29 19.67
N VAL B 219 21.60 9.09 20.26
CA VAL B 219 20.53 8.87 21.23
C VAL B 219 20.78 9.65 22.53
N ARG B 220 22.02 9.58 23.04
CA ARG B 220 22.39 10.29 24.28
C ARG B 220 22.18 11.80 24.14
N LEU B 221 22.58 12.38 23.01
CA LEU B 221 22.40 13.81 22.81
C LEU B 221 20.94 14.21 22.96
N TYR B 222 20.01 13.44 22.36
CA TYR B 222 18.62 13.86 22.51
C TYR B 222 18.16 13.69 23.94
N LEU B 223 18.54 12.57 24.57
CA LEU B 223 18.10 12.29 25.94
C LEU B 223 18.68 13.29 26.94
N GLU B 224 19.84 13.89 26.63
CA GLU B 224 20.36 14.95 27.47
C GLU B 224 19.87 16.33 27.04
N GLY B 225 18.82 16.40 26.21
CA GLY B 225 18.21 17.67 25.90
C GLY B 225 19.02 18.52 24.95
N LYS B 226 19.76 17.90 24.03
CA LYS B 226 20.57 18.60 23.04
C LYS B 226 20.05 18.24 21.66
N PRO B 227 18.83 18.65 21.32
CA PRO B 227 18.24 18.19 20.07
C PRO B 227 18.99 18.64 18.82
N PHE B 228 19.64 19.80 18.85
CA PHE B 228 20.23 20.31 17.62
C PHE B 228 21.52 19.58 17.28
N GLU B 229 22.30 19.23 18.30
CA GLU B 229 23.45 18.36 18.10
C GLU B 229 23.01 16.94 17.70
N ALA B 230 21.95 16.41 18.33
CA ALA B 230 21.47 15.11 17.88
C ALA B 230 21.09 15.16 16.41
N ARG B 231 20.38 16.22 16.00
CA ARG B 231 20.00 16.36 14.60
C ARG B 231 21.23 16.44 13.70
N GLN B 232 22.27 17.13 14.17
CA GLN B 232 23.52 17.20 13.44
C GLN B 232 24.08 15.80 13.17
N LEU B 233 24.10 14.95 14.20
CA LEU B 233 24.57 13.57 14.03
C LEU B 233 23.62 12.74 13.17
N HIS B 234 22.30 12.90 13.36
CA HIS B 234 21.35 12.19 12.53
C HIS B 234 21.61 12.49 11.08
N GLN B 235 21.81 13.79 10.78
CA GLN B 235 21.95 14.22 9.41
C GLN B 235 23.31 13.76 8.86
N THR B 236 24.34 13.70 9.73
CA THR B 236 25.64 13.12 9.31
C THR B 236 25.56 11.64 8.93
N LEU B 237 24.80 10.85 9.69
CA LEU B 237 24.70 9.40 9.48
C LEU B 237 23.56 9.02 8.53
N TYR B 238 22.67 9.96 8.21
CA TYR B 238 21.45 9.59 7.50
C TYR B 238 21.71 8.85 6.18
N PRO B 239 22.62 9.30 5.31
CA PRO B 239 22.86 8.55 4.05
C PRO B 239 23.33 7.13 4.28
N LEU B 240 24.13 6.91 5.32
CA LEU B 240 24.51 5.55 5.69
C LEU B 240 23.29 4.74 6.16
N PHE B 241 22.45 5.31 7.03
CA PHE B 241 21.22 4.63 7.45
C PHE B 241 20.41 4.18 6.24
N ARG B 242 20.34 5.05 5.23
CA ARG B 242 19.63 4.74 4.00
C ARG B 242 20.29 3.57 3.28
N ASP B 243 21.60 3.65 3.09
CA ASP B 243 22.28 2.63 2.28
C ASP B 243 22.44 1.30 3.02
N LEU B 244 22.25 1.26 4.34
CA LEU B 244 22.23 -0.04 5.00
C LEU B 244 20.95 -0.82 4.69
N MET B 245 20.02 -0.21 3.96
CA MET B 245 18.86 -0.92 3.45
C MET B 245 18.82 -0.93 1.92
N ILE B 246 19.96 -0.66 1.26
CA ILE B 246 19.97 -0.60 -0.20
C ILE B 246 19.57 -1.96 -0.79
N GLU B 247 19.95 -3.05 -0.13
CA GLU B 247 19.30 -4.33 -0.29
C GLU B 247 19.03 -4.86 1.11
N THR B 248 18.37 -6.01 1.20
CA THR B 248 17.86 -6.47 2.49
C THR B 248 18.98 -6.61 3.51
N ASN B 249 18.83 -5.90 4.62
CA ASN B 249 19.60 -6.15 5.83
C ASN B 249 19.54 -7.65 6.16
N PRO B 250 20.67 -8.30 6.49
CA PRO B 250 22.00 -7.72 6.76
C PRO B 250 23.03 -7.70 5.62
N VAL B 251 22.66 -7.84 4.35
CA VAL B 251 23.69 -7.88 3.30
C VAL B 251 24.53 -6.61 3.29
N PRO B 252 23.96 -5.40 3.31
CA PRO B 252 24.86 -4.23 3.32
C PRO B 252 25.78 -4.21 4.53
N VAL B 253 25.24 -4.41 5.73
CA VAL B 253 26.03 -4.22 6.94
C VAL B 253 27.12 -5.29 7.03
N LYS B 254 26.81 -6.52 6.64
CA LYS B 254 27.84 -7.55 6.69
C LYS B 254 28.89 -7.33 5.60
N THR B 255 28.45 -6.88 4.41
CA THR B 255 29.41 -6.49 3.36
C THR B 255 30.32 -5.35 3.84
N ALA B 256 29.73 -4.33 4.49
CA ALA B 256 30.54 -3.23 4.99
C ALA B 256 31.54 -3.71 6.03
N LEU B 257 31.12 -4.58 6.96
CA LEU B 257 32.06 -5.10 7.93
C LEU B 257 33.14 -5.95 7.26
N ALA B 258 32.77 -6.70 6.23
CA ALA B 258 33.74 -7.53 5.53
C ALA B 258 34.76 -6.66 4.81
N MET B 259 34.32 -5.54 4.25
CA MET B 259 35.27 -4.60 3.64
C MET B 259 36.19 -3.98 4.67
N GLU B 260 35.77 -3.92 5.92
CA GLU B 260 36.66 -3.44 6.98
C GLU B 260 37.56 -4.52 7.56
N GLY B 261 37.52 -5.75 7.06
CA GLY B 261 38.33 -6.83 7.58
C GLY B 261 37.86 -7.43 8.89
N LEU B 262 36.58 -7.27 9.23
CA LEU B 262 36.11 -7.66 10.55
C LEU B 262 35.36 -8.98 10.52
N THR B 263 34.94 -9.42 9.35
CA THR B 263 34.29 -10.71 9.19
C THR B 263 34.47 -11.14 7.75
N ASP B 264 34.30 -12.44 7.51
CA ASP B 264 34.21 -12.93 6.14
C ASP B 264 32.90 -12.48 5.52
N LEU B 265 32.94 -12.17 4.22
CA LEU B 265 31.69 -11.90 3.51
C LEU B 265 31.06 -13.25 3.16
N GLU B 266 30.59 -13.94 4.19
CA GLU B 266 29.90 -15.21 4.02
C GLU B 266 28.44 -15.05 4.40
N LEU B 267 27.56 -15.21 3.42
CA LEU B 267 26.11 -15.17 3.59
C LEU B 267 25.54 -16.54 3.30
N ARG B 268 24.52 -16.93 4.06
CA ARG B 268 23.83 -18.18 3.81
C ARG B 268 22.63 -17.95 2.91
N LEU B 269 22.49 -18.79 1.89
CA LEU B 269 21.33 -18.69 1.01
C LEU B 269 20.05 -18.85 1.83
N PRO B 270 19.00 -18.08 1.52
CA PRO B 270 18.77 -17.30 0.29
C PRO B 270 19.37 -15.89 0.19
N LEU B 271 20.12 -15.41 1.19
CA LEU B 271 20.80 -14.13 1.03
C LEU B 271 21.96 -14.31 0.05
N ALA B 272 22.20 -13.27 -0.77
CA ALA B 272 23.16 -13.23 -1.84
C ALA B 272 23.87 -11.88 -1.80
N PRO B 273 25.11 -11.80 -2.32
CA PRO B 273 25.84 -10.53 -2.29
C PRO B 273 25.15 -9.43 -3.07
N LEU B 274 25.53 -8.19 -2.74
CA LEU B 274 24.92 -7.00 -3.34
C LEU B 274 25.12 -6.95 -4.85
N GLN B 275 24.16 -6.33 -5.52
CA GLN B 275 24.37 -5.94 -6.91
C GLN B 275 25.56 -4.98 -7.01
N PRO B 276 26.36 -5.06 -8.09
CA PRO B 276 27.61 -4.28 -8.12
C PRO B 276 27.41 -2.78 -8.00
N GLN B 277 26.34 -2.23 -8.60
CA GLN B 277 26.08 -0.81 -8.47
C GLN B 277 25.73 -0.43 -7.03
N ASN B 278 25.09 -1.34 -6.28
CA ASN B 278 24.78 -1.05 -4.88
C ASN B 278 26.00 -1.18 -3.98
N LEU B 279 26.88 -2.14 -4.31
CA LEU B 279 28.16 -2.23 -3.63
C LEU B 279 28.92 -0.92 -3.75
N GLU B 280 28.95 -0.32 -4.95
CA GLU B 280 29.70 0.92 -5.10
C GLU B 280 29.09 2.04 -4.28
N LYS B 281 27.75 2.17 -4.30
CA LYS B 281 27.10 3.18 -3.47
C LYS B 281 27.47 2.99 -2.00
N LEU B 282 27.39 1.75 -1.53
CA LEU B 282 27.73 1.48 -0.14
C LEU B 282 29.16 1.90 0.15
N LYS B 283 30.12 1.53 -0.73
CA LYS B 283 31.52 1.84 -0.47
C LYS B 283 31.74 3.34 -0.32
N THR B 284 31.26 4.14 -1.27
CA THR B 284 31.46 5.59 -1.20
C THR B 284 30.71 6.20 -0.02
N THR B 285 29.49 5.74 0.25
CA THR B 285 28.78 6.25 1.43
C THR B 285 29.57 5.96 2.70
N LEU B 286 30.15 4.77 2.81
CA LEU B 286 30.95 4.46 3.98
C LEU B 286 32.06 5.48 4.19
N SER B 287 32.87 5.72 3.15
CA SER B 287 33.98 6.66 3.26
C SER B 287 33.48 8.08 3.50
N ARG B 288 32.43 8.48 2.79
CA ARG B 288 31.84 9.80 3.00
C ARG B 288 31.40 9.99 4.45
N THR B 289 30.81 8.95 5.05
CA THR B 289 30.33 9.06 6.43
C THR B 289 31.51 9.30 7.39
N LYS B 290 32.59 8.53 7.21
CA LYS B 290 33.78 8.73 8.01
C LYS B 290 34.35 10.13 7.83
N GLU B 291 34.35 10.63 6.60
CA GLU B 291 34.84 11.98 6.37
C GLU B 291 34.01 12.99 7.15
N LYS B 292 32.69 12.84 7.12
CA LYS B 292 31.82 13.78 7.82
C LYS B 292 31.93 13.64 9.33
N LEU B 293 32.02 12.39 9.81
CA LEU B 293 32.18 12.18 11.25
C LEU B 293 33.45 12.82 11.77
N ALA B 294 34.50 12.83 10.95
CA ALA B 294 35.76 13.44 11.37
C ALA B 294 35.57 14.93 11.65
N LYS B 295 34.62 15.56 10.97
CA LYS B 295 34.37 16.99 11.14
C LYS B 295 33.48 17.34 12.32
N VAL B 296 32.72 16.40 12.87
CA VAL B 296 31.83 16.70 14.00
C VAL B 296 32.20 15.89 15.21
N GLU B 297 33.50 15.67 15.39
CA GLU B 297 34.01 14.73 16.37
C GLU B 297 33.61 15.10 17.80
N HIS B 298 33.41 16.39 18.09
CA HIS B 298 33.05 16.75 19.46
C HIS B 298 31.67 16.22 19.85
N LEU B 299 30.82 15.86 18.88
CA LEU B 299 29.48 15.39 19.21
C LEU B 299 29.45 13.93 19.68
N TRP B 300 30.38 13.10 19.22
CA TRP B 300 30.28 11.67 19.47
C TRP B 300 31.53 11.05 20.04
N ALA B 301 32.68 11.72 19.89
CA ALA B 301 33.95 11.18 20.33
C ALA B 301 34.14 11.41 21.84
N LYS C 2 1.05 -31.99 -18.30
CA LYS C 2 1.60 -31.07 -17.30
C LYS C 2 0.67 -30.91 -16.09
N ILE C 3 0.75 -29.79 -15.37
CA ILE C 3 -0.02 -29.60 -14.14
C ILE C 3 -1.22 -28.70 -14.40
N GLN C 4 -2.41 -29.25 -14.26
CA GLN C 4 -3.65 -28.57 -14.58
C GLN C 4 -4.72 -29.03 -13.61
N GLY C 5 -5.75 -28.22 -13.44
CA GLY C 5 -6.87 -28.64 -12.63
C GLY C 5 -6.90 -28.12 -11.20
N THR C 6 -7.46 -28.90 -10.30
CA THR C 6 -7.73 -28.47 -8.93
C THR C 6 -6.91 -29.31 -7.96
N TYR C 7 -6.10 -28.63 -7.15
CA TYR C 7 -5.28 -29.23 -6.10
C TYR C 7 -5.72 -28.67 -4.76
N THR C 8 -5.88 -29.55 -3.76
CA THR C 8 -6.37 -29.15 -2.46
C THR C 8 -5.19 -28.99 -1.51
N ALA C 9 -5.02 -27.79 -0.95
CA ALA C 9 -4.06 -27.63 0.15
C ALA C 9 -4.74 -28.15 1.41
N ILE C 10 -4.43 -29.39 1.83
CA ILE C 10 -5.23 -29.97 2.92
C ILE C 10 -4.86 -29.36 4.27
N ILE C 11 -5.86 -29.23 5.14
CA ILE C 11 -5.56 -28.94 6.54
C ILE C 11 -4.75 -30.10 7.13
N SER C 12 -4.09 -29.83 8.26
CA SER C 12 -3.54 -30.91 9.06
C SER C 12 -4.50 -31.19 10.23
N PRO C 13 -5.30 -32.25 10.18
CA PRO C 13 -6.25 -32.49 11.28
C PRO C 13 -5.55 -32.97 12.55
N PHE C 14 -5.88 -32.32 13.67
CA PHE C 14 -5.31 -32.68 14.96
C PHE C 14 -6.37 -33.25 15.91
N HIS C 15 -5.94 -34.17 16.77
CA HIS C 15 -6.79 -34.71 17.83
C HIS C 15 -5.93 -35.01 19.04
N ASN C 16 -6.19 -34.34 20.16
CA ASN C 16 -5.44 -34.55 21.41
C ASN C 16 -3.95 -34.25 21.21
N GLY C 17 -3.65 -33.13 20.54
CA GLY C 17 -2.30 -32.68 20.33
C GLY C 17 -1.50 -33.47 19.32
N GLN C 18 -2.13 -34.35 18.57
CA GLN C 18 -1.37 -35.17 17.63
C GLN C 18 -2.13 -35.20 16.31
N ILE C 19 -1.43 -35.66 15.27
CA ILE C 19 -2.05 -35.84 13.96
C ILE C 19 -3.21 -36.82 14.10
N ASP C 20 -4.37 -36.41 13.62
CA ASP C 20 -5.56 -37.26 13.64
C ASP C 20 -5.58 -38.06 12.32
N ARG C 21 -5.11 -39.31 12.35
CA ARG C 21 -4.93 -40.08 11.12
C ARG C 21 -6.27 -40.50 10.51
N LYS C 22 -7.26 -40.84 11.34
CA LYS C 22 -8.60 -41.14 10.84
C LYS C 22 -9.19 -39.95 10.12
N ALA C 23 -8.98 -38.76 10.68
CA ALA C 23 -9.48 -37.54 10.04
C ALA C 23 -8.84 -37.32 8.67
N LEU C 24 -7.52 -37.50 8.56
CA LEU C 24 -6.81 -37.31 7.31
C LEU C 24 -7.28 -38.28 6.24
N GLU C 25 -7.42 -39.56 6.61
CA GLU C 25 -7.87 -40.58 5.67
C GLU C 25 -9.22 -40.24 5.07
N ARG C 26 -10.16 -39.93 5.92
CA ARG C 26 -11.51 -39.64 5.44
C ARG C 26 -11.50 -38.39 4.56
N LEU C 27 -10.82 -37.32 5.02
CA LEU C 27 -10.74 -36.11 4.20
C LEU C 27 -10.07 -36.40 2.85
N LEU C 28 -8.99 -37.18 2.87
CA LEU C 28 -8.33 -37.52 1.61
C LEU C 28 -9.27 -38.34 0.72
N GLU C 29 -9.99 -39.30 1.30
CA GLU C 29 -10.94 -40.07 0.49
C GLU C 29 -12.01 -39.17 -0.11
N HIS C 30 -12.55 -38.23 0.67
CA HIS C 30 -13.58 -37.35 0.14
C HIS C 30 -13.07 -36.53 -1.04
N GLN C 31 -11.79 -36.11 -1.01
CA GLN C 31 -11.19 -35.41 -2.13
C GLN C 31 -11.07 -36.31 -3.37
N ILE C 32 -10.47 -37.49 -3.19
CA ILE C 32 -10.20 -38.40 -4.31
C ILE C 32 -11.50 -38.78 -5.01
N GLU C 33 -12.57 -38.95 -4.24
CA GLU C 33 -13.88 -39.35 -4.75
C GLU C 33 -14.60 -38.22 -5.46
N ASN C 34 -14.03 -37.01 -5.45
CA ASN C 34 -14.76 -35.86 -5.93
C ASN C 34 -13.97 -35.08 -6.96
N ARG C 35 -13.27 -35.80 -7.84
CA ARG C 35 -12.71 -35.23 -9.07
C ARG C 35 -11.62 -34.19 -8.80
N ILE C 36 -10.89 -34.37 -7.72
CA ILE C 36 -9.76 -33.53 -7.37
C ILE C 36 -8.53 -34.12 -8.04
N ASP C 37 -7.68 -33.26 -8.61
CA ASP C 37 -6.50 -33.72 -9.34
C ASP C 37 -5.33 -34.03 -8.44
N GLY C 38 -5.26 -33.44 -7.24
CA GLY C 38 -4.10 -33.69 -6.41
C GLY C 38 -4.23 -33.00 -5.07
N ILE C 39 -3.21 -33.24 -4.23
CA ILE C 39 -3.17 -32.81 -2.83
C ILE C 39 -1.88 -32.06 -2.60
N VAL C 40 -1.94 -30.97 -1.84
CA VAL C 40 -0.75 -30.29 -1.31
C VAL C 40 -0.76 -30.47 0.20
N PRO C 41 -0.07 -31.47 0.74
CA PRO C 41 0.07 -31.57 2.19
C PRO C 41 1.14 -30.62 2.71
N VAL C 42 0.99 -30.29 3.99
CA VAL C 42 1.91 -29.49 4.81
C VAL C 42 2.35 -28.18 4.16
N GLY C 43 1.41 -27.44 3.60
CA GLY C 43 1.61 -26.04 3.30
C GLY C 43 1.07 -25.16 4.41
N THR C 44 0.71 -23.92 4.03
CA THR C 44 0.12 -22.98 4.98
C THR C 44 -1.20 -23.48 5.52
N THR C 45 -2.06 -23.98 4.64
CA THR C 45 -3.35 -24.49 5.08
C THR C 45 -3.16 -25.65 6.05
N GLY C 46 -2.06 -26.39 5.90
CA GLY C 46 -1.74 -27.46 6.81
C GLY C 46 -0.96 -27.05 8.04
N GLU C 47 -0.88 -25.74 8.35
CA GLU C 47 -0.22 -25.25 9.58
C GLU C 47 1.22 -25.75 9.69
N SER C 48 1.92 -25.81 8.55
CA SER C 48 3.31 -26.25 8.57
C SER C 48 4.18 -25.52 9.58
N PRO C 49 4.01 -24.21 9.85
CA PRO C 49 4.87 -23.58 10.87
C PRO C 49 4.81 -24.26 12.22
N THR C 50 3.70 -24.88 12.59
CA THR C 50 3.57 -25.40 13.95
C THR C 50 3.70 -26.92 14.01
N LEU C 51 4.04 -27.56 12.89
CA LEU C 51 4.39 -28.98 12.90
C LEU C 51 5.84 -29.15 13.27
N SER C 52 6.13 -30.16 14.08
CA SER C 52 7.51 -30.56 14.24
C SER C 52 8.04 -31.13 12.94
N TYR C 53 9.36 -31.28 12.86
CA TYR C 53 9.95 -31.87 11.66
C TYR C 53 9.42 -33.27 11.39
N GLU C 54 9.42 -34.15 12.40
CA GLU C 54 8.90 -35.48 12.09
C GLU C 54 7.42 -35.46 11.75
N GLU C 55 6.63 -34.61 12.41
CA GLU C 55 5.22 -34.49 12.02
C GLU C 55 5.10 -34.02 10.58
N HIS C 56 5.95 -33.06 10.17
CA HIS C 56 5.97 -32.61 8.79
C HIS C 56 6.20 -33.81 7.87
N ILE C 57 7.22 -34.60 8.17
CA ILE C 57 7.53 -35.75 7.33
C ILE C 57 6.42 -36.77 7.43
N GLU C 58 5.92 -36.99 8.65
CA GLU C 58 4.88 -37.99 8.89
C GLU C 58 3.58 -37.62 8.19
N LEU C 59 3.27 -36.32 8.12
CA LEU C 59 2.06 -35.95 7.39
C LEU C 59 2.19 -36.27 5.90
N VAL C 60 3.38 -36.04 5.33
CA VAL C 60 3.61 -36.39 3.91
C VAL C 60 3.58 -37.91 3.74
N ARG C 61 4.09 -38.65 4.71
CA ARG C 61 4.10 -40.11 4.60
C ARG C 61 2.67 -40.67 4.60
N LEU C 62 1.82 -40.21 5.53
CA LEU C 62 0.45 -40.69 5.57
C LEU C 62 -0.30 -40.34 4.29
N THR C 63 -0.14 -39.10 3.83
CA THR C 63 -0.81 -38.67 2.61
C THR C 63 -0.44 -39.58 1.45
N ALA C 64 0.84 -39.89 1.29
CA ALA C 64 1.26 -40.78 0.22
C ALA C 64 0.67 -42.17 0.41
N GLU C 65 0.72 -42.69 1.63
CA GLU C 65 0.16 -44.01 1.91
C GLU C 65 -1.34 -44.04 1.69
N ILE C 66 -2.07 -43.01 2.14
CA ILE C 66 -3.51 -43.01 1.94
C ILE C 66 -3.86 -42.87 0.46
N VAL C 67 -3.17 -41.97 -0.26
CA VAL C 67 -3.57 -41.70 -1.63
C VAL C 67 -3.21 -42.86 -2.56
N GLU C 68 -2.10 -43.54 -2.31
CA GLU C 68 -1.62 -44.67 -3.11
C GLU C 68 -1.71 -44.40 -4.62
N LYS C 69 -1.10 -43.28 -5.03
CA LYS C 69 -0.90 -42.87 -6.42
C LYS C 69 -2.19 -42.57 -7.16
N ARG C 70 -3.34 -42.52 -6.47
CA ARG C 70 -4.61 -42.33 -7.18
C ARG C 70 -4.71 -40.94 -7.80
N ILE C 71 -4.20 -39.92 -7.10
CA ILE C 71 -4.09 -38.54 -7.59
C ILE C 71 -2.71 -38.01 -7.20
N LYS C 72 -2.39 -36.81 -7.68
CA LYS C 72 -1.04 -36.31 -7.51
C LYS C 72 -0.81 -35.74 -6.11
N ILE C 73 0.43 -35.78 -5.65
CA ILE C 73 0.83 -35.16 -4.40
C ILE C 73 2.02 -34.24 -4.67
N PHE C 74 1.85 -32.94 -4.38
CA PHE C 74 2.95 -31.98 -4.35
C PHE C 74 3.12 -31.47 -2.93
N ALA C 75 4.16 -31.93 -2.26
CA ALA C 75 4.33 -31.61 -0.86
C ALA C 75 4.91 -30.20 -0.69
N GLY C 76 4.38 -29.48 0.29
CA GLY C 76 5.00 -28.24 0.69
C GLY C 76 6.30 -28.51 1.41
N THR C 77 7.41 -28.12 0.81
CA THR C 77 8.72 -28.39 1.37
C THR C 77 9.60 -27.16 1.37
N GLY C 78 9.01 -25.97 1.16
CA GLY C 78 9.77 -24.75 1.15
C GLY C 78 10.15 -24.26 2.54
N SER C 79 11.08 -23.34 2.57
CA SER C 79 11.63 -22.80 3.80
C SER C 79 12.31 -21.49 3.45
N ASN C 80 12.54 -20.65 4.45
CA ASN C 80 13.38 -19.48 4.24
C ASN C 80 14.85 -19.76 4.52
N SER C 81 15.19 -21.00 4.82
CA SER C 81 16.57 -21.49 4.78
C SER C 81 16.74 -22.38 3.54
N THR C 82 17.67 -22.04 2.65
CA THR C 82 17.85 -22.86 1.46
C THR C 82 18.24 -24.29 1.83
N ALA C 83 19.14 -24.44 2.82
CA ALA C 83 19.55 -25.78 3.27
C ALA C 83 18.37 -26.59 3.77
N GLU C 84 17.47 -25.94 4.52
CA GLU C 84 16.31 -26.63 5.06
C GLU C 84 15.33 -27.06 3.96
N ALA C 85 15.11 -26.20 2.96
CA ALA C 85 14.21 -26.59 1.89
C ALA C 85 14.77 -27.76 1.12
N ILE C 86 16.09 -27.79 0.92
CA ILE C 86 16.72 -28.92 0.25
C ILE C 86 16.49 -30.21 1.04
N HIS C 87 16.69 -30.16 2.36
CA HIS C 87 16.49 -31.34 3.20
C HIS C 87 15.03 -31.78 3.22
N LEU C 88 14.09 -30.83 3.36
CA LEU C 88 12.67 -31.19 3.33
C LEU C 88 12.26 -31.74 1.97
N THR C 89 12.73 -31.12 0.89
CA THR C 89 12.40 -31.61 -0.44
C THR C 89 12.95 -33.02 -0.66
N LYS C 90 14.17 -33.26 -0.19
CA LYS C 90 14.81 -34.57 -0.35
C LYS C 90 14.03 -35.65 0.40
N GLU C 91 13.58 -35.32 1.61
CA GLU C 91 12.79 -36.25 2.40
C GLU C 91 11.45 -36.56 1.74
N ALA C 92 10.81 -35.55 1.11
CA ALA C 92 9.56 -35.82 0.38
C ALA C 92 9.80 -36.73 -0.82
N GLU C 93 10.90 -36.53 -1.54
CA GLU C 93 11.19 -37.39 -2.68
C GLU C 93 11.36 -38.84 -2.22
N LYS C 94 11.98 -39.04 -1.05
CA LYS C 94 12.15 -40.39 -0.50
C LYS C 94 10.80 -41.03 -0.16
N ILE C 95 9.82 -40.26 0.31
CA ILE C 95 8.50 -40.80 0.58
C ILE C 95 7.84 -41.29 -0.69
N GLY C 96 8.08 -40.60 -1.80
CA GLY C 96 7.52 -40.95 -3.09
C GLY C 96 6.44 -40.02 -3.61
N VAL C 97 6.64 -38.70 -3.55
CA VAL C 97 5.65 -37.77 -4.08
C VAL C 97 5.83 -37.52 -5.58
N ASP C 98 4.90 -36.78 -6.18
CA ASP C 98 4.98 -36.39 -7.58
C ASP C 98 5.75 -35.08 -7.78
N GLY C 99 5.90 -34.29 -6.74
CA GLY C 99 6.57 -33.01 -6.86
C GLY C 99 6.50 -32.30 -5.53
N VAL C 100 7.02 -31.07 -5.51
CA VAL C 100 7.01 -30.27 -4.30
C VAL C 100 6.53 -28.86 -4.61
N LEU C 101 5.93 -28.21 -3.62
CA LEU C 101 5.54 -26.81 -3.70
C LEU C 101 6.47 -26.00 -2.82
N LEU C 102 7.17 -25.00 -3.40
CA LEU C 102 8.20 -24.24 -2.70
C LEU C 102 7.78 -22.79 -2.53
N VAL C 103 7.28 -22.41 -1.34
CA VAL C 103 6.99 -21.00 -1.08
C VAL C 103 8.30 -20.22 -1.13
N SER C 104 8.23 -18.97 -1.59
CA SER C 104 9.44 -18.17 -1.57
C SER C 104 9.83 -17.87 -0.12
N PRO C 105 11.13 -17.73 0.15
CA PRO C 105 11.57 -17.39 1.50
C PRO C 105 10.80 -16.22 2.08
N TYR C 106 10.31 -16.42 3.30
CA TYR C 106 9.51 -15.49 4.08
C TYR C 106 10.39 -14.86 5.16
N TYR C 107 10.05 -13.63 5.50
CA TYR C 107 10.66 -12.94 6.65
C TYR C 107 12.05 -12.35 6.36
N ASN C 108 12.99 -13.11 5.75
CA ASN C 108 14.32 -12.52 5.53
C ASN C 108 14.43 -11.75 4.22
N ARG C 109 13.38 -11.72 3.39
CA ARG C 109 13.28 -10.82 2.24
C ARG C 109 14.51 -10.83 1.33
N PRO C 110 14.90 -11.97 0.80
CA PRO C 110 16.09 -12.01 -0.04
C PRO C 110 15.90 -11.22 -1.33
N SER C 111 17.03 -10.79 -1.89
CA SER C 111 17.02 -10.13 -3.19
C SER C 111 16.60 -11.11 -4.30
N GLN C 112 16.28 -10.56 -5.48
CA GLN C 112 15.89 -11.43 -6.59
C GLN C 112 17.01 -12.38 -6.96
N GLU C 113 18.27 -11.92 -6.96
CA GLU C 113 19.39 -12.82 -7.19
C GLU C 113 19.48 -13.87 -6.09
N GLY C 114 19.22 -13.47 -4.83
CA GLY C 114 19.10 -14.46 -3.79
C GLY C 114 18.02 -15.49 -4.08
N LEU C 115 16.85 -15.04 -4.57
CA LEU C 115 15.80 -16.01 -4.92
C LEU C 115 16.23 -16.91 -6.05
N PHE C 116 16.95 -16.36 -7.04
CA PHE C 116 17.44 -17.19 -8.13
C PHE C 116 18.34 -18.32 -7.62
N ARG C 117 19.29 -17.98 -6.76
CA ARG C 117 20.19 -19.00 -6.25
CA ARG C 117 20.19 -19.00 -6.24
C ARG C 117 19.48 -19.94 -5.27
N HIS C 118 18.50 -19.42 -4.52
CA HIS C 118 17.73 -20.25 -3.61
C HIS C 118 16.99 -21.34 -4.38
N PHE C 119 16.14 -20.96 -5.35
CA PHE C 119 15.33 -21.94 -6.05
C PHE C 119 16.17 -22.83 -6.96
N SER C 120 17.24 -22.29 -7.58
CA SER C 120 18.14 -23.13 -8.37
C SER C 120 18.80 -24.22 -7.52
N ALA C 121 19.24 -23.86 -6.30
CA ALA C 121 19.90 -24.82 -5.42
C ALA C 121 18.95 -25.94 -5.03
N ILE C 122 17.67 -25.62 -4.76
CA ILE C 122 16.69 -26.67 -4.46
C ILE C 122 16.37 -27.49 -5.70
N ALA C 123 16.13 -26.82 -6.84
CA ALA C 123 15.78 -27.52 -8.08
C ALA C 123 16.87 -28.51 -8.49
N ALA C 124 18.13 -28.09 -8.40
CA ALA C 124 19.28 -28.93 -8.74
C ALA C 124 19.45 -30.08 -7.78
N SER C 125 18.87 -29.98 -6.58
CA SER C 125 19.03 -31.03 -5.60
C SER C 125 18.06 -32.18 -5.81
N THR C 126 17.10 -32.06 -6.73
CA THR C 126 16.05 -33.05 -6.85
C THR C 126 15.72 -33.34 -8.31
N SER C 127 15.21 -34.55 -8.55
CA SER C 127 14.62 -34.87 -9.86
C SER C 127 13.14 -34.55 -9.90
N LEU C 128 12.55 -34.19 -8.77
CA LEU C 128 11.13 -33.90 -8.67
C LEU C 128 10.74 -32.67 -9.48
N PRO C 129 9.56 -32.66 -10.10
CA PRO C 129 9.01 -31.38 -10.61
C PRO C 129 8.74 -30.40 -9.48
N ILE C 130 8.89 -29.11 -9.77
CA ILE C 130 8.80 -28.08 -8.75
C ILE C 130 7.78 -27.04 -9.15
N LEU C 131 6.87 -26.73 -8.22
CA LEU C 131 6.00 -25.57 -8.34
C LEU C 131 6.52 -24.49 -7.40
N LEU C 132 6.83 -23.31 -7.95
CA LEU C 132 7.10 -22.13 -7.14
C LEU C 132 5.80 -21.65 -6.51
N TYR C 133 5.92 -20.81 -5.48
CA TYR C 133 4.75 -20.31 -4.77
C TYR C 133 5.02 -18.88 -4.33
N ASN C 134 4.37 -17.93 -5.01
CA ASN C 134 4.53 -16.50 -4.75
C ASN C 134 3.38 -16.02 -3.89
N ILE C 135 3.69 -15.55 -2.68
CA ILE C 135 2.65 -14.96 -1.83
C ILE C 135 3.25 -13.83 -1.01
N PRO C 136 3.37 -12.65 -1.62
CA PRO C 136 4.03 -11.51 -0.93
C PRO C 136 3.37 -11.11 0.37
N SER C 137 2.05 -11.26 0.49
CA SER C 137 1.35 -10.82 1.68
C SER C 137 1.79 -11.59 2.92
N ARG C 138 2.22 -12.85 2.77
CA ARG C 138 2.73 -13.62 3.89
C ARG C 138 4.26 -13.59 4.00
N CYS C 139 4.97 -13.38 2.90
CA CYS C 139 6.41 -13.56 2.89
C CYS C 139 7.20 -12.28 3.05
N GLY C 140 6.64 -11.15 2.61
CA GLY C 140 7.37 -9.90 2.56
C GLY C 140 8.24 -9.71 1.36
N VAL C 141 8.15 -10.62 0.38
CA VAL C 141 8.93 -10.52 -0.85
C VAL C 141 8.14 -11.16 -1.95
N ASP C 142 8.38 -10.69 -3.17
CA ASP C 142 7.72 -11.17 -4.36
C ASP C 142 8.75 -11.82 -5.29
N ILE C 143 8.39 -12.93 -5.93
CA ILE C 143 9.22 -13.49 -6.98
C ILE C 143 8.91 -12.72 -8.25
N ALA C 144 9.85 -11.87 -8.70
CA ALA C 144 9.63 -11.08 -9.91
C ALA C 144 9.48 -11.99 -11.14
N VAL C 145 8.73 -11.50 -12.12
CA VAL C 145 8.52 -12.27 -13.34
C VAL C 145 9.85 -12.62 -13.99
N ASP C 146 10.77 -11.65 -14.07
CA ASP C 146 12.08 -11.89 -14.64
C ASP C 146 12.84 -12.98 -13.89
N THR C 147 12.64 -13.06 -12.57
CA THR C 147 13.26 -14.13 -11.80
C THR C 147 12.67 -15.49 -12.16
N VAL C 148 11.34 -15.59 -12.24
CA VAL C 148 10.72 -16.85 -12.64
C VAL C 148 11.26 -17.31 -13.99
N LYS C 149 11.37 -16.37 -14.94
CA LYS C 149 11.81 -16.69 -16.29
C LYS C 149 13.25 -17.20 -16.30
N ARG C 150 14.14 -16.53 -15.57
CA ARG C 150 15.52 -17.00 -15.44
C ARG C 150 15.59 -18.35 -14.75
N LEU C 151 14.78 -18.53 -13.69
CA LEU C 151 14.77 -19.81 -12.98
C LEU C 151 14.41 -20.96 -13.92
N VAL C 152 13.40 -20.76 -14.76
CA VAL C 152 12.93 -21.83 -15.66
C VAL C 152 13.92 -22.07 -16.79
N GLU C 153 14.55 -21.00 -17.29
CA GLU C 153 15.64 -21.13 -18.27
C GLU C 153 16.75 -22.06 -17.78
N LYS C 154 17.11 -21.97 -16.51
CA LYS C 154 18.25 -22.72 -16.00
C LYS C 154 17.86 -23.96 -15.22
N ASN C 155 16.56 -24.19 -14.96
CA ASN C 155 16.09 -25.30 -14.12
C ASN C 155 14.88 -25.96 -14.79
N LYS C 156 15.15 -27.06 -15.51
CA LYS C 156 14.13 -27.75 -16.29
C LYS C 156 13.01 -28.34 -15.43
N ASN C 157 13.27 -28.62 -14.14
CA ASN C 157 12.21 -29.20 -13.31
C ASN C 157 11.36 -28.16 -12.60
N ILE C 158 11.56 -26.87 -12.85
CA ILE C 158 10.63 -25.86 -12.35
C ILE C 158 9.52 -25.71 -13.39
N VAL C 159 8.34 -26.22 -13.07
CA VAL C 159 7.31 -26.44 -14.07
C VAL C 159 6.11 -25.53 -13.89
N GLY C 160 6.04 -24.76 -12.81
CA GLY C 160 4.87 -23.92 -12.66
C GLY C 160 4.95 -23.08 -11.41
N ILE C 161 3.86 -22.37 -11.14
CA ILE C 161 3.86 -21.44 -10.02
C ILE C 161 2.47 -21.37 -9.43
N LYS C 162 2.38 -21.45 -8.10
CA LYS C 162 1.15 -21.08 -7.42
C LYS C 162 1.25 -19.59 -7.24
N GLU C 163 0.49 -18.86 -8.04
CA GLU C 163 0.59 -17.41 -8.05
C GLU C 163 -0.44 -16.87 -7.07
N ALA C 164 0.02 -16.41 -5.91
CA ALA C 164 -0.86 -15.89 -4.89
C ALA C 164 -0.51 -14.43 -4.58
N GLY C 165 -0.08 -13.69 -5.60
CA GLY C 165 0.15 -12.30 -5.34
C GLY C 165 -1.07 -11.41 -5.32
N GLY C 166 -2.27 -11.97 -5.49
CA GLY C 166 -3.45 -11.12 -5.54
C GLY C 166 -3.55 -10.23 -6.76
N SER C 167 -2.84 -10.55 -7.84
CA SER C 167 -2.78 -9.67 -9.00
C SER C 167 -3.03 -10.47 -10.26
N VAL C 168 -4.16 -10.21 -10.94
CA VAL C 168 -4.38 -10.93 -12.20
C VAL C 168 -3.44 -10.42 -13.28
N ASP C 169 -3.01 -9.14 -13.21
CA ASP C 169 -2.03 -8.64 -14.20
C ASP C 169 -0.76 -9.48 -14.20
N ARG C 170 -0.36 -9.96 -13.01
CA ARG C 170 0.82 -10.80 -12.88
C ARG C 170 0.71 -12.07 -13.74
N VAL C 171 -0.49 -12.63 -13.85
CA VAL C 171 -0.67 -13.83 -14.66
C VAL C 171 -0.39 -13.52 -16.13
N SER C 172 -0.94 -12.42 -16.65
CA SER C 172 -0.67 -12.04 -18.03
C SER C 172 0.82 -11.79 -18.26
N GLN C 173 1.48 -11.21 -17.26
CA GLN C 173 2.91 -10.99 -17.40
C GLN C 173 3.62 -12.33 -17.46
N LEU C 174 3.22 -13.28 -16.60
CA LEU C 174 3.85 -14.59 -16.61
C LEU C 174 3.63 -15.30 -17.94
N VAL C 175 2.39 -15.28 -18.47
CA VAL C 175 2.15 -15.97 -19.75
C VAL C 175 2.96 -15.32 -20.86
N GLU C 176 3.05 -13.98 -20.87
CA GLU C 176 3.90 -13.32 -21.86
C GLU C 176 5.36 -13.77 -21.75
N ALA C 177 5.86 -13.95 -20.52
CA ALA C 177 7.28 -14.17 -20.34
C ALA C 177 7.69 -15.63 -20.34
N LEU C 178 6.78 -16.57 -20.10
CA LEU C 178 7.15 -17.95 -19.85
C LEU C 178 6.61 -18.90 -20.93
N PRO C 179 7.19 -20.12 -21.04
CA PRO C 179 6.94 -20.98 -22.23
C PRO C 179 5.51 -21.41 -22.53
N GLY C 180 4.70 -21.79 -21.56
CA GLY C 180 3.35 -22.26 -21.85
C GLY C 180 3.15 -23.73 -21.54
N GLU C 181 4.24 -24.52 -21.61
CA GLU C 181 4.29 -25.72 -20.78
C GLU C 181 4.31 -25.36 -19.30
N PHE C 182 4.75 -24.15 -18.97
CA PHE C 182 4.76 -23.66 -17.60
C PHE C 182 3.33 -23.44 -17.12
N SER C 183 3.00 -23.97 -15.94
CA SER C 183 1.64 -24.02 -15.44
C SER C 183 1.43 -22.94 -14.38
N ILE C 184 0.57 -21.97 -14.66
CA ILE C 184 0.23 -20.94 -13.68
C ILE C 184 -1.05 -21.39 -12.99
N LEU C 185 -0.99 -21.54 -11.68
CA LEU C 185 -2.13 -21.97 -10.87
C LEU C 185 -2.55 -20.82 -9.98
N SER C 186 -3.86 -20.64 -9.85
CA SER C 186 -4.36 -19.69 -8.87
C SER C 186 -3.99 -20.15 -7.46
N GLY C 187 -3.60 -19.21 -6.61
CA GLY C 187 -3.48 -19.48 -5.19
C GLY C 187 -4.56 -18.87 -4.32
N ASP C 188 -5.64 -18.37 -4.90
CA ASP C 188 -6.68 -17.66 -4.16
C ASP C 188 -7.99 -18.04 -4.82
N ASP C 189 -8.86 -18.69 -4.05
CA ASP C 189 -10.08 -19.26 -4.61
C ASP C 189 -10.91 -18.20 -5.33
N ALA C 190 -10.96 -17.00 -4.79
CA ALA C 190 -11.78 -15.94 -5.38
C ALA C 190 -11.24 -15.47 -6.72
N LEU C 191 -9.96 -15.71 -7.00
CA LEU C 191 -9.38 -15.23 -8.25
C LEU C 191 -9.17 -16.33 -9.29
N THR C 192 -9.54 -17.58 -9.01
CA THR C 192 -9.27 -18.67 -9.97
C THR C 192 -9.91 -18.39 -11.34
N LEU C 193 -11.21 -18.10 -11.36
CA LEU C 193 -11.86 -17.85 -12.64
C LEU C 193 -11.20 -16.69 -13.40
N PRO C 194 -10.94 -15.54 -12.78
CA PRO C 194 -10.22 -14.50 -13.54
C PRO C 194 -8.82 -14.93 -13.98
N PHE C 195 -8.11 -15.73 -13.17
CA PHE C 195 -6.80 -16.24 -13.60
C PHE C 195 -6.93 -17.18 -14.80
N LEU C 196 -7.88 -18.13 -14.73
CA LEU C 196 -8.11 -19.01 -15.87
C LEU C 196 -8.39 -18.20 -17.13
N SER C 197 -9.16 -17.09 -17.00
CA SER C 197 -9.57 -16.36 -18.18
C SER C 197 -8.38 -15.80 -18.93
N VAL C 198 -7.26 -15.54 -18.26
CA VAL C 198 -6.09 -15.00 -18.92
C VAL C 198 -4.93 -16.01 -19.00
N GLY C 199 -5.17 -17.29 -18.75
CA GLY C 199 -4.17 -18.30 -19.08
C GLY C 199 -3.67 -19.19 -17.96
N ALA C 200 -4.09 -19.00 -16.70
CA ALA C 200 -3.81 -20.02 -15.69
C ALA C 200 -4.56 -21.31 -16.06
N VAL C 201 -4.15 -22.43 -15.46
CA VAL C 201 -4.69 -23.74 -15.84
C VAL C 201 -5.20 -24.51 -14.64
N GLY C 202 -5.33 -23.83 -13.50
CA GLY C 202 -5.87 -24.54 -12.34
C GLY C 202 -5.71 -23.72 -11.08
N VAL C 203 -5.84 -24.42 -9.95
CA VAL C 203 -5.90 -23.79 -8.64
C VAL C 203 -5.27 -24.70 -7.60
N VAL C 204 -4.51 -24.11 -6.69
CA VAL C 204 -4.21 -24.74 -5.40
C VAL C 204 -5.23 -24.16 -4.42
N SER C 205 -6.22 -24.96 -4.03
CA SER C 205 -7.44 -24.42 -3.45
C SER C 205 -7.53 -24.68 -1.96
N VAL C 206 -8.10 -23.71 -1.26
CA VAL C 206 -8.54 -23.93 0.13
C VAL C 206 -9.98 -24.41 0.19
N ALA C 207 -10.87 -23.79 -0.62
CA ALA C 207 -12.30 -24.11 -0.54
C ALA C 207 -12.60 -25.56 -0.90
N SER C 208 -11.77 -26.19 -1.73
CA SER C 208 -12.02 -27.58 -2.11
C SER C 208 -11.89 -28.54 -0.94
N ASN C 209 -11.31 -28.09 0.17
CA ASN C 209 -11.35 -28.87 1.42
C ASN C 209 -12.80 -29.15 1.80
N LEU C 210 -13.68 -28.17 1.59
CA LEU C 210 -15.10 -28.24 1.95
C LEU C 210 -15.96 -28.71 0.77
N PHE C 211 -15.71 -28.20 -0.43
CA PHE C 211 -16.55 -28.45 -1.62
C PHE C 211 -15.69 -28.90 -2.79
N PRO C 212 -15.14 -30.12 -2.72
CA PRO C 212 -14.22 -30.56 -3.78
C PRO C 212 -14.85 -30.64 -5.17
N ARG C 213 -16.03 -31.27 -5.30
CA ARG C 213 -16.64 -31.39 -6.62
C ARG C 213 -17.07 -30.02 -7.16
N PRO C 214 -17.73 -29.15 -6.38
CA PRO C 214 -18.06 -27.81 -6.91
C PRO C 214 -16.85 -26.97 -7.28
N VAL C 215 -15.79 -26.93 -6.47
CA VAL C 215 -14.61 -26.16 -6.83
C VAL C 215 -13.95 -26.75 -8.08
N SER C 216 -13.80 -28.06 -8.10
CA SER C 216 -13.20 -28.76 -9.24
C SER C 216 -14.00 -28.56 -10.53
N ALA C 217 -15.33 -28.50 -10.43
CA ALA C 217 -16.17 -28.23 -11.60
C ALA C 217 -15.97 -26.82 -12.16
N LEU C 218 -15.72 -25.83 -11.29
CA LEU C 218 -15.48 -24.47 -11.77
C LEU C 218 -14.34 -24.45 -12.80
N VAL C 219 -13.21 -25.08 -12.45
CA VAL C 219 -12.05 -25.10 -13.34
C VAL C 219 -12.36 -25.86 -14.63
N ARG C 220 -12.97 -27.06 -14.50
CA ARG C 220 -13.29 -27.86 -15.69
C ARG C 220 -14.24 -27.12 -16.63
N LEU C 221 -15.29 -26.50 -16.08
CA LEU C 221 -16.23 -25.74 -16.89
C LEU C 221 -15.51 -24.69 -17.74
N TYR C 222 -14.60 -23.93 -17.14
CA TYR C 222 -13.90 -22.92 -17.94
C TYR C 222 -12.98 -23.57 -18.97
N LEU C 223 -12.22 -24.59 -18.55
CA LEU C 223 -11.22 -25.17 -19.44
C LEU C 223 -11.84 -25.88 -20.64
N GLU C 224 -13.08 -26.39 -20.53
CA GLU C 224 -13.77 -26.97 -21.69
C GLU C 224 -14.64 -25.96 -22.43
N GLY C 225 -14.42 -24.66 -22.20
CA GLY C 225 -15.10 -23.64 -22.98
C GLY C 225 -16.54 -23.35 -22.60
N LYS C 226 -16.91 -23.50 -21.33
CA LYS C 226 -18.25 -23.15 -20.83
C LYS C 226 -18.09 -21.99 -19.84
N PRO C 227 -17.74 -20.79 -20.33
CA PRO C 227 -17.41 -19.72 -19.39
C PRO C 227 -18.61 -19.24 -18.58
N PHE C 228 -19.84 -19.36 -19.11
CA PHE C 228 -21.00 -18.81 -18.38
C PHE C 228 -21.45 -19.72 -17.25
N GLU C 229 -21.39 -21.04 -17.46
CA GLU C 229 -21.63 -21.95 -16.36
C GLU C 229 -20.52 -21.85 -15.33
N ALA C 230 -19.27 -21.68 -15.76
CA ALA C 230 -18.20 -21.43 -14.80
C ALA C 230 -18.49 -20.20 -13.97
N ARG C 231 -18.90 -19.11 -14.60
CA ARG C 231 -19.22 -17.88 -13.86
C ARG C 231 -20.37 -18.10 -12.87
N GLN C 232 -21.36 -18.89 -13.27
CA GLN C 232 -22.49 -19.22 -12.40
C GLN C 232 -21.99 -19.87 -11.11
N LEU C 233 -21.14 -20.90 -11.23
CA LEU C 233 -20.55 -21.55 -10.06
C LEU C 233 -19.65 -20.62 -9.27
N HIS C 234 -18.87 -19.78 -9.96
CA HIS C 234 -18.08 -18.77 -9.24
C HIS C 234 -18.95 -17.87 -8.37
N GLN C 235 -20.09 -17.41 -8.91
CA GLN C 235 -20.95 -16.51 -8.14
C GLN C 235 -21.58 -17.25 -6.98
N THR C 236 -21.93 -18.52 -7.18
CA THR C 236 -22.48 -19.35 -6.10
C THR C 236 -21.49 -19.49 -4.93
N LEU C 237 -20.21 -19.74 -5.22
CA LEU C 237 -19.23 -19.98 -4.17
C LEU C 237 -18.53 -18.72 -3.69
N TYR C 238 -18.66 -17.59 -4.41
CA TYR C 238 -17.84 -16.43 -4.10
C TYR C 238 -17.95 -15.97 -2.64
N PRO C 239 -19.14 -15.87 -2.04
CA PRO C 239 -19.19 -15.45 -0.63
C PRO C 239 -18.46 -16.42 0.29
N LEU C 240 -18.48 -17.72 -0.01
CA LEU C 240 -17.63 -18.64 0.74
C LEU C 240 -16.16 -18.33 0.52
N PHE C 241 -15.75 -18.08 -0.74
CA PHE C 241 -14.35 -17.79 -1.03
C PHE C 241 -13.88 -16.62 -0.17
N ARG C 242 -14.70 -15.58 -0.06
CA ARG C 242 -14.40 -14.40 0.75
C ARG C 242 -14.30 -14.75 2.24
N ASP C 243 -15.32 -15.43 2.78
CA ASP C 243 -15.31 -15.68 4.23
C ASP C 243 -14.33 -16.77 4.65
N LEU C 244 -13.78 -17.57 3.72
CA LEU C 244 -12.69 -18.47 4.08
C LEU C 244 -11.38 -17.73 4.36
N MET C 245 -11.34 -16.43 4.11
CA MET C 245 -10.24 -15.58 4.55
C MET C 245 -10.75 -14.49 5.49
N ILE C 246 -11.89 -14.74 6.15
CA ILE C 246 -12.43 -13.74 7.05
C ILE C 246 -11.44 -13.46 8.18
N GLU C 247 -10.72 -14.49 8.63
CA GLU C 247 -9.46 -14.37 9.35
C GLU C 247 -8.43 -15.28 8.66
N THR C 248 -7.19 -15.27 9.14
CA THR C 248 -6.12 -15.93 8.40
C THR C 248 -6.40 -17.42 8.21
N ASN C 249 -6.38 -17.86 6.93
CA ASN C 249 -6.31 -19.26 6.57
C ASN C 249 -5.18 -19.96 7.33
N PRO C 250 -5.39 -21.17 7.90
CA PRO C 250 -6.55 -22.06 7.77
C PRO C 250 -7.60 -22.00 8.87
N VAL C 251 -7.71 -20.94 9.68
CA VAL C 251 -8.69 -20.95 10.76
C VAL C 251 -10.11 -21.07 10.23
N PRO C 252 -10.56 -20.27 9.23
CA PRO C 252 -11.93 -20.48 8.73
C PRO C 252 -12.17 -21.89 8.20
N VAL C 253 -11.29 -22.41 7.34
CA VAL C 253 -11.58 -23.70 6.71
C VAL C 253 -11.54 -24.83 7.75
N LYS C 254 -10.65 -24.76 8.74
CA LYS C 254 -10.67 -25.82 9.74
C LYS C 254 -11.87 -25.68 10.66
N THR C 255 -12.23 -24.45 11.02
CA THR C 255 -13.45 -24.23 11.78
C THR C 255 -14.65 -24.77 11.00
N ALA C 256 -14.69 -24.52 9.69
CA ALA C 256 -15.80 -24.98 8.87
C ALA C 256 -15.87 -26.51 8.85
N LEU C 257 -14.73 -27.16 8.70
CA LEU C 257 -14.70 -28.62 8.74
C LEU C 257 -15.12 -29.14 10.12
N ALA C 258 -14.76 -28.41 11.19
CA ALA C 258 -15.16 -28.85 12.53
C ALA C 258 -16.68 -28.69 12.74
N MET C 259 -17.28 -27.64 12.14
CA MET C 259 -18.75 -27.52 12.20
C MET C 259 -19.43 -28.67 11.45
N GLU C 260 -18.75 -29.23 10.46
CA GLU C 260 -19.13 -30.51 9.91
C GLU C 260 -18.53 -31.58 10.82
N GLY C 261 -18.97 -32.81 10.73
CA GLY C 261 -18.38 -33.71 11.71
C GLY C 261 -16.95 -34.14 11.45
N LEU C 262 -16.16 -33.36 10.70
CA LEU C 262 -15.01 -33.92 10.01
C LEU C 262 -13.64 -33.73 10.70
N THR C 263 -13.50 -32.79 11.63
CA THR C 263 -12.22 -32.67 12.33
C THR C 263 -12.47 -32.00 13.67
N ASP C 264 -11.54 -32.17 14.61
CA ASP C 264 -11.57 -31.37 15.83
C ASP C 264 -11.16 -29.93 15.51
N LEU C 265 -11.81 -28.96 16.18
CA LEU C 265 -11.36 -27.57 16.09
C LEU C 265 -10.13 -27.41 17.01
N GLU C 266 -9.04 -28.04 16.58
CA GLU C 266 -7.74 -27.90 17.22
C GLU C 266 -6.76 -27.17 16.32
N LEU C 267 -6.34 -25.99 16.77
CA LEU C 267 -5.34 -25.14 16.15
C LEU C 267 -4.10 -25.11 17.03
N ARG C 268 -2.93 -24.94 16.43
CA ARG C 268 -1.74 -24.70 17.23
C ARG C 268 -1.42 -23.22 17.30
N LEU C 269 -1.14 -22.72 18.52
CA LEU C 269 -0.71 -21.35 18.67
C LEU C 269 0.52 -21.10 17.80
N PRO C 270 0.61 -19.94 17.13
CA PRO C 270 -0.18 -18.73 17.37
C PRO C 270 -1.55 -18.62 16.69
N LEU C 271 -2.02 -19.58 15.91
CA LEU C 271 -3.39 -19.43 15.40
C LEU C 271 -4.39 -19.61 16.55
N ALA C 272 -5.48 -18.88 16.50
CA ALA C 272 -6.54 -18.91 17.50
C ALA C 272 -7.88 -18.97 16.80
N PRO C 273 -8.92 -19.46 17.48
CA PRO C 273 -10.24 -19.54 16.84
C PRO C 273 -10.79 -18.18 16.42
N LEU C 274 -11.78 -18.23 15.51
CA LEU C 274 -12.40 -17.02 15.00
C LEU C 274 -13.03 -16.22 16.13
N GLN C 275 -12.98 -14.91 16.00
CA GLN C 275 -13.78 -14.07 16.88
C GLN C 275 -15.28 -14.32 16.64
N PRO C 276 -16.11 -14.16 17.68
CA PRO C 276 -17.48 -14.70 17.59
C PRO C 276 -18.31 -14.18 16.42
N GLN C 277 -18.23 -12.89 16.08
CA GLN C 277 -19.00 -12.36 14.96
C GLN C 277 -18.55 -12.93 13.61
N ASN C 278 -17.27 -13.21 13.47
CA ASN C 278 -16.77 -13.84 12.26
C ASN C 278 -17.16 -15.31 12.21
N LEU C 279 -17.24 -15.97 13.38
CA LEU C 279 -17.75 -17.33 13.43
C LEU C 279 -19.17 -17.40 12.88
N GLU C 280 -20.03 -16.45 13.29
CA GLU C 280 -21.42 -16.42 12.84
C GLU C 280 -21.54 -16.13 11.34
N LYS C 281 -20.75 -15.18 10.82
CA LYS C 281 -20.78 -14.94 9.38
C LYS C 281 -20.44 -16.21 8.62
N LEU C 282 -19.36 -16.88 9.02
CA LEU C 282 -18.93 -18.12 8.35
C LEU C 282 -20.02 -19.18 8.42
N LYS C 283 -20.60 -19.36 9.61
CA LYS C 283 -21.68 -20.34 9.77
C LYS C 283 -22.81 -20.07 8.78
N THR C 284 -23.23 -18.82 8.67
CA THR C 284 -24.28 -18.47 7.74
C THR C 284 -23.88 -18.70 6.29
N THR C 285 -22.67 -18.26 5.91
CA THR C 285 -22.21 -18.48 4.54
C THR C 285 -22.12 -19.97 4.22
N LEU C 286 -21.64 -20.78 5.18
CA LEU C 286 -21.63 -22.22 4.96
C LEU C 286 -23.03 -22.68 4.57
N SER C 287 -24.05 -22.27 5.32
CA SER C 287 -25.41 -22.75 5.02
C SER C 287 -25.97 -22.23 3.69
N ARG C 288 -25.84 -20.92 3.40
CA ARG C 288 -26.36 -20.41 2.12
C ARG C 288 -25.65 -21.12 0.96
N THR C 289 -24.36 -21.44 1.16
CA THR C 289 -23.60 -22.08 0.11
C THR C 289 -24.16 -23.46 -0.18
N LYS C 290 -24.49 -24.25 0.86
CA LYS C 290 -25.10 -25.56 0.62
C LYS C 290 -26.47 -25.42 -0.07
N GLU C 291 -27.30 -24.44 0.34
CA GLU C 291 -28.48 -24.17 -0.44
C GLU C 291 -28.21 -23.78 -1.89
N LYS C 292 -27.30 -22.85 -2.11
CA LYS C 292 -27.20 -22.38 -3.48
C LYS C 292 -26.68 -23.46 -4.39
N LEU C 293 -25.75 -24.26 -3.88
CA LEU C 293 -25.21 -25.36 -4.66
C LEU C 293 -26.29 -26.37 -5.03
N ALA C 294 -27.25 -26.61 -4.12
CA ALA C 294 -28.30 -27.60 -4.39
C ALA C 294 -29.15 -27.21 -5.58
N LYS C 295 -29.30 -25.91 -5.83
CA LYS C 295 -30.12 -25.42 -6.93
C LYS C 295 -29.40 -25.41 -8.27
N VAL C 296 -28.07 -25.47 -8.29
CA VAL C 296 -27.31 -25.43 -9.54
C VAL C 296 -26.56 -26.75 -9.74
N GLU C 297 -27.16 -27.82 -9.24
CA GLU C 297 -26.50 -29.11 -9.15
C GLU C 297 -26.08 -29.64 -10.51
N HIS C 298 -26.77 -29.25 -11.59
CA HIS C 298 -26.34 -29.68 -12.91
C HIS C 298 -25.00 -29.07 -13.32
N LEU C 299 -24.55 -28.03 -12.64
CA LEU C 299 -23.27 -27.44 -13.02
C LEU C 299 -22.08 -28.23 -12.51
N TRP C 300 -22.23 -28.95 -11.39
CA TRP C 300 -21.09 -29.52 -10.71
C TRP C 300 -21.22 -30.99 -10.34
N ALA C 301 -22.43 -31.55 -10.31
CA ALA C 301 -22.59 -32.92 -9.83
C ALA C 301 -22.22 -33.95 -10.90
N LYS D 2 -29.12 -2.77 -22.70
CA LYS D 2 -28.46 -2.01 -21.64
C LYS D 2 -27.21 -1.35 -22.15
N ILE D 3 -26.24 -1.32 -21.24
CA ILE D 3 -24.89 -0.82 -21.49
C ILE D 3 -23.99 -2.05 -21.51
N GLN D 4 -23.49 -2.39 -22.69
CA GLN D 4 -22.66 -3.57 -22.86
C GLN D 4 -21.75 -3.35 -24.06
N GLY D 5 -20.58 -4.00 -24.07
CA GLY D 5 -19.65 -3.87 -25.18
C GLY D 5 -18.49 -2.91 -24.91
N THR D 6 -18.01 -2.22 -25.95
CA THR D 6 -16.79 -1.40 -25.92
C THR D 6 -17.14 0.06 -26.16
N TYR D 7 -16.77 0.92 -25.21
CA TYR D 7 -16.95 2.35 -25.35
C TYR D 7 -15.58 3.01 -25.29
N THR D 8 -15.30 3.91 -26.21
CA THR D 8 -13.96 4.46 -26.31
C THR D 8 -13.90 5.80 -25.59
N ALA D 9 -13.06 5.87 -24.56
CA ALA D 9 -12.71 7.14 -23.92
C ALA D 9 -11.74 7.85 -24.87
N ILE D 10 -12.25 8.83 -25.65
CA ILE D 10 -11.48 9.45 -26.72
C ILE D 10 -10.55 10.54 -26.18
N ILE D 11 -9.37 10.64 -26.79
CA ILE D 11 -8.53 11.83 -26.56
C ILE D 11 -9.28 13.08 -27.00
N SER D 12 -8.81 14.24 -26.55
CA SER D 12 -9.24 15.52 -27.09
C SER D 12 -8.19 16.02 -28.06
N PRO D 13 -8.38 15.92 -29.37
CA PRO D 13 -7.33 16.37 -30.28
C PRO D 13 -7.28 17.89 -30.27
N PHE D 14 -6.09 18.42 -29.98
CA PHE D 14 -5.87 19.86 -29.93
C PHE D 14 -4.99 20.25 -31.10
N HIS D 15 -5.18 21.48 -31.58
CA HIS D 15 -4.24 22.02 -32.54
C HIS D 15 -4.11 23.53 -32.35
N ASN D 16 -2.90 23.98 -32.04
CA ASN D 16 -2.61 25.38 -31.85
C ASN D 16 -3.50 25.98 -30.77
N GLY D 17 -3.61 25.28 -29.65
CA GLY D 17 -4.41 25.76 -28.54
C GLY D 17 -5.90 25.70 -28.76
N GLN D 18 -6.37 25.00 -29.79
CA GLN D 18 -7.79 24.89 -30.07
C GLN D 18 -8.15 23.44 -30.39
N ILE D 19 -9.45 23.16 -30.35
CA ILE D 19 -9.93 21.82 -30.69
C ILE D 19 -9.66 21.53 -32.17
N ASP D 20 -9.03 20.39 -32.45
CA ASP D 20 -8.76 19.99 -33.83
C ASP D 20 -9.98 19.20 -34.27
N ARG D 21 -10.91 19.91 -34.90
CA ARG D 21 -12.24 19.35 -35.16
C ARG D 21 -12.22 18.33 -36.30
N LYS D 22 -11.40 18.58 -37.32
CA LYS D 22 -11.26 17.60 -38.38
C LYS D 22 -10.60 16.32 -37.90
N ALA D 23 -9.61 16.42 -37.02
CA ALA D 23 -9.03 15.23 -36.40
C ALA D 23 -10.07 14.51 -35.54
N LEU D 24 -10.90 15.27 -34.83
CA LEU D 24 -11.97 14.67 -34.04
C LEU D 24 -12.91 13.89 -34.95
N GLU D 25 -13.31 14.49 -36.08
CA GLU D 25 -14.16 13.78 -37.03
C GLU D 25 -13.52 12.47 -37.47
N ARG D 26 -12.23 12.52 -37.83
CA ARG D 26 -11.56 11.32 -38.31
C ARG D 26 -11.54 10.26 -37.21
N LEU D 27 -11.18 10.66 -36.00
CA LEU D 27 -11.12 9.69 -34.90
C LEU D 27 -12.49 9.08 -34.65
N LEU D 28 -13.54 9.90 -34.65
CA LEU D 28 -14.88 9.37 -34.40
C LEU D 28 -15.33 8.41 -35.50
N GLU D 29 -15.10 8.76 -36.77
CA GLU D 29 -15.50 7.88 -37.87
C GLU D 29 -14.80 6.53 -37.78
N HIS D 30 -13.50 6.55 -37.45
CA HIS D 30 -12.73 5.31 -37.26
C HIS D 30 -13.31 4.44 -36.14
N GLN D 31 -13.84 5.06 -35.08
CA GLN D 31 -14.49 4.25 -34.05
C GLN D 31 -15.76 3.60 -34.59
N ILE D 32 -16.64 4.40 -35.21
CA ILE D 32 -17.94 3.94 -35.70
C ILE D 32 -17.76 2.83 -36.72
N GLU D 33 -16.72 2.93 -37.52
CA GLU D 33 -16.42 1.97 -38.58
C GLU D 33 -15.87 0.66 -38.05
N ASN D 34 -15.53 0.60 -36.77
CA ASN D 34 -14.79 -0.55 -36.26
C ASN D 34 -15.48 -1.17 -35.06
N ARG D 35 -16.82 -1.22 -35.12
CA ARG D 35 -17.65 -2.02 -34.21
C ARG D 35 -17.56 -1.53 -32.76
N ILE D 36 -17.38 -0.21 -32.56
CA ILE D 36 -17.37 0.40 -31.23
C ILE D 36 -18.81 0.76 -30.86
N ASP D 37 -19.22 0.45 -29.61
CA ASP D 37 -20.60 0.67 -29.19
C ASP D 37 -20.90 2.10 -28.77
N GLY D 38 -19.90 2.86 -28.36
CA GLY D 38 -20.21 4.22 -27.93
C GLY D 38 -18.93 4.95 -27.62
N ILE D 39 -19.09 6.21 -27.26
CA ILE D 39 -17.99 7.13 -27.07
C ILE D 39 -18.10 7.76 -25.69
N VAL D 40 -16.97 7.91 -25.01
CA VAL D 40 -16.95 8.71 -23.78
C VAL D 40 -16.12 9.95 -24.06
N PRO D 41 -16.73 11.07 -24.42
CA PRO D 41 -15.97 12.29 -24.62
C PRO D 41 -15.61 12.91 -23.29
N VAL D 42 -14.50 13.66 -23.30
CA VAL D 42 -14.01 14.53 -22.22
C VAL D 42 -14.01 13.88 -20.85
N GLY D 43 -13.42 12.69 -20.73
CA GLY D 43 -12.98 12.15 -19.46
C GLY D 43 -11.50 12.46 -19.19
N THR D 44 -10.86 11.59 -18.40
CA THR D 44 -9.43 11.72 -18.13
C THR D 44 -8.63 11.64 -19.42
N THR D 45 -8.96 10.67 -20.29
CA THR D 45 -8.21 10.48 -21.54
C THR D 45 -8.30 11.71 -22.42
N GLY D 46 -9.40 12.44 -22.31
CA GLY D 46 -9.60 13.68 -23.02
C GLY D 46 -9.10 14.91 -22.32
N GLU D 47 -8.27 14.77 -21.29
CA GLU D 47 -7.65 15.91 -20.59
C GLU D 47 -8.67 16.93 -20.10
N SER D 48 -9.80 16.44 -19.60
CA SER D 48 -10.79 17.35 -19.02
C SER D 48 -10.20 18.30 -18.00
N PRO D 49 -9.23 17.94 -17.15
CA PRO D 49 -8.72 18.94 -16.18
C PRO D 49 -8.16 20.18 -16.82
N THR D 50 -7.63 20.08 -18.03
CA THR D 50 -6.98 21.21 -18.68
C THR D 50 -7.83 21.82 -19.79
N LEU D 51 -9.08 21.37 -19.96
CA LEU D 51 -10.01 22.03 -20.86
C LEU D 51 -10.67 23.20 -20.13
N SER D 52 -10.86 24.31 -20.82
CA SER D 52 -11.73 25.32 -20.24
C SER D 52 -13.16 24.81 -20.22
N TYR D 53 -14.02 25.54 -19.52
CA TYR D 53 -15.44 25.16 -19.53
C TYR D 53 -15.99 25.20 -20.97
N GLU D 54 -15.64 26.23 -21.75
CA GLU D 54 -16.12 26.33 -23.13
C GLU D 54 -15.72 25.09 -23.93
N GLU D 55 -14.46 24.67 -23.80
CA GLU D 55 -13.98 23.52 -24.54
C GLU D 55 -14.67 22.23 -24.10
N HIS D 56 -14.89 22.08 -22.79
CA HIS D 56 -15.57 20.91 -22.27
C HIS D 56 -16.93 20.72 -22.94
N ILE D 57 -17.73 21.79 -22.99
CA ILE D 57 -19.06 21.69 -23.60
C ILE D 57 -18.95 21.53 -25.11
N GLU D 58 -18.03 22.25 -25.74
CA GLU D 58 -17.92 22.22 -27.20
C GLU D 58 -17.48 20.86 -27.71
N LEU D 59 -16.60 20.18 -26.97
CA LEU D 59 -16.16 18.85 -27.38
C LEU D 59 -17.32 17.85 -27.38
N VAL D 60 -18.20 17.95 -26.39
CA VAL D 60 -19.39 17.10 -26.34
C VAL D 60 -20.35 17.45 -27.46
N ARG D 61 -20.50 18.74 -27.80
CA ARG D 61 -21.39 19.10 -28.90
C ARG D 61 -20.88 18.56 -30.22
N LEU D 62 -19.58 18.75 -30.51
CA LEU D 62 -19.01 18.27 -31.76
C LEU D 62 -19.10 16.76 -31.84
N THR D 63 -18.79 16.06 -30.75
CA THR D 63 -18.96 14.62 -30.76
C THR D 63 -20.41 14.26 -31.10
N ALA D 64 -21.37 14.93 -30.47
CA ALA D 64 -22.78 14.63 -30.72
C ALA D 64 -23.15 14.96 -32.18
N GLU D 65 -22.74 16.12 -32.66
CA GLU D 65 -23.05 16.51 -34.04
C GLU D 65 -22.42 15.55 -35.04
N ILE D 66 -21.17 15.13 -34.80
CA ILE D 66 -20.52 14.19 -35.70
C ILE D 66 -21.20 12.83 -35.66
N VAL D 67 -21.52 12.34 -34.46
CA VAL D 67 -21.99 10.96 -34.33
C VAL D 67 -23.38 10.78 -34.93
N GLU D 68 -24.24 11.78 -34.78
CA GLU D 68 -25.65 11.73 -35.23
C GLU D 68 -26.34 10.42 -34.83
N LYS D 69 -26.27 10.10 -33.54
CA LYS D 69 -27.04 9.01 -32.96
C LYS D 69 -26.69 7.64 -33.54
N ARG D 70 -25.62 7.55 -34.36
CA ARG D 70 -25.24 6.24 -34.90
C ARG D 70 -24.71 5.33 -33.80
N ILE D 71 -23.97 5.85 -32.83
CA ILE D 71 -23.57 5.10 -31.63
C ILE D 71 -23.76 5.99 -30.39
N LYS D 72 -23.55 5.39 -29.22
CA LYS D 72 -23.86 6.06 -27.95
C LYS D 72 -22.79 7.05 -27.53
N ILE D 73 -23.22 8.06 -26.77
CA ILE D 73 -22.31 9.03 -26.14
C ILE D 73 -22.63 9.09 -24.65
N PHE D 74 -21.63 8.81 -23.83
CA PHE D 74 -21.72 9.04 -22.38
C PHE D 74 -20.65 10.06 -22.03
N ALA D 75 -21.08 11.29 -21.77
CA ALA D 75 -20.13 12.38 -21.55
C ALA D 75 -19.59 12.32 -20.13
N GLY D 76 -18.28 12.58 -19.99
CA GLY D 76 -17.68 12.78 -18.69
C GLY D 76 -18.08 14.13 -18.14
N THR D 77 -18.82 14.15 -17.05
CA THR D 77 -19.32 15.41 -16.48
C THR D 77 -19.10 15.49 -14.96
N GLY D 78 -18.23 14.65 -14.43
CA GLY D 78 -17.97 14.66 -13.00
C GLY D 78 -17.04 15.76 -12.59
N SER D 79 -17.02 16.03 -11.29
CA SER D 79 -16.24 17.10 -10.70
C SER D 79 -16.09 16.78 -9.22
N ASN D 80 -15.09 17.37 -8.58
CA ASN D 80 -15.05 17.21 -7.14
C ASN D 80 -15.86 18.27 -6.43
N SER D 81 -16.54 19.14 -7.18
CA SER D 81 -17.62 19.99 -6.71
C SER D 81 -18.97 19.45 -7.22
N THR D 82 -19.87 19.13 -6.26
CA THR D 82 -21.18 18.59 -6.61
C THR D 82 -21.96 19.57 -7.48
N ALA D 83 -21.96 20.84 -7.11
CA ALA D 83 -22.60 21.87 -7.90
C ALA D 83 -22.02 21.93 -9.31
N GLU D 84 -20.70 21.81 -9.44
CA GLU D 84 -20.11 21.87 -10.77
C GLU D 84 -20.48 20.64 -11.59
N ALA D 85 -20.53 19.48 -10.95
CA ALA D 85 -20.93 18.27 -11.67
C ALA D 85 -22.37 18.38 -12.16
N ILE D 86 -23.27 18.94 -11.35
CA ILE D 86 -24.65 19.15 -11.77
C ILE D 86 -24.69 20.05 -13.00
N HIS D 87 -23.90 21.13 -13.00
CA HIS D 87 -23.92 22.05 -14.14
C HIS D 87 -23.36 21.40 -15.41
N LEU D 88 -22.21 20.71 -15.33
CA LEU D 88 -21.70 20.02 -16.51
C LEU D 88 -22.67 18.96 -17.01
N THR D 89 -23.29 18.22 -16.08
CA THR D 89 -24.20 17.16 -16.49
C THR D 89 -25.42 17.74 -17.18
N LYS D 90 -25.90 18.85 -16.67
CA LYS D 90 -27.03 19.43 -17.36
C LYS D 90 -26.66 20.02 -18.75
N GLU D 91 -25.46 20.59 -18.96
CA GLU D 91 -25.13 21.02 -20.32
C GLU D 91 -25.09 19.83 -21.29
N ALA D 92 -24.59 18.66 -20.85
CA ALA D 92 -24.60 17.48 -21.72
C ALA D 92 -26.02 17.04 -22.05
N GLU D 93 -26.92 17.08 -21.06
CA GLU D 93 -28.29 16.69 -21.35
C GLU D 93 -28.89 17.58 -22.44
N LYS D 94 -28.63 18.89 -22.40
CA LYS D 94 -29.25 19.72 -23.45
C LYS D 94 -28.63 19.46 -24.81
N ILE D 95 -27.33 19.13 -24.85
CA ILE D 95 -26.69 18.81 -26.13
C ILE D 95 -27.34 17.58 -26.71
N GLY D 96 -27.73 16.63 -25.85
CA GLY D 96 -28.44 15.45 -26.30
C GLY D 96 -27.65 14.16 -26.29
N VAL D 97 -26.93 13.88 -25.21
CA VAL D 97 -26.15 12.63 -25.08
C VAL D 97 -27.05 11.50 -24.58
N ASP D 98 -26.54 10.26 -24.57
CA ASP D 98 -27.27 9.12 -24.04
C ASP D 98 -27.05 8.93 -22.55
N GLY D 99 -26.02 9.53 -21.99
CA GLY D 99 -25.75 9.34 -20.58
C GLY D 99 -24.52 10.11 -20.16
N VAL D 100 -24.17 9.99 -18.89
CA VAL D 100 -22.97 10.62 -18.37
C VAL D 100 -22.21 9.66 -17.48
N LEU D 101 -20.89 9.85 -17.47
CA LEU D 101 -19.94 9.14 -16.63
C LEU D 101 -19.49 10.10 -15.54
N LEU D 102 -19.64 9.69 -14.28
CA LEU D 102 -19.36 10.53 -13.11
C LEU D 102 -18.20 9.97 -12.29
N VAL D 103 -17.00 10.53 -12.47
CA VAL D 103 -15.88 10.14 -11.61
C VAL D 103 -16.19 10.56 -10.18
N SER D 104 -15.67 9.80 -9.23
CA SER D 104 -15.86 10.21 -7.84
C SER D 104 -15.07 11.49 -7.58
N PRO D 105 -15.54 12.33 -6.67
CA PRO D 105 -14.77 13.50 -6.25
C PRO D 105 -13.35 13.11 -5.92
N TYR D 106 -12.41 13.89 -6.44
CA TYR D 106 -11.00 13.68 -6.25
C TYR D 106 -10.48 14.76 -5.30
N TYR D 107 -9.41 14.43 -4.57
CA TYR D 107 -8.65 15.39 -3.79
C TYR D 107 -9.29 15.79 -2.47
N ASN D 108 -10.59 16.09 -2.43
CA ASN D 108 -11.21 16.44 -1.14
C ASN D 108 -11.66 15.22 -0.35
N ARG D 109 -11.52 14.01 -0.90
CA ARG D 109 -11.69 12.76 -0.18
C ARG D 109 -12.97 12.69 0.69
N PRO D 110 -14.13 12.85 0.09
CA PRO D 110 -15.34 12.82 0.91
C PRO D 110 -15.56 11.44 1.53
N SER D 111 -16.26 11.44 2.66
CA SER D 111 -16.70 10.20 3.28
C SER D 111 -17.69 9.48 2.38
N GLN D 112 -17.96 8.23 2.74
CA GLN D 112 -18.91 7.43 1.98
C GLN D 112 -20.28 8.08 1.98
N GLU D 113 -20.68 8.63 3.13
CA GLU D 113 -21.96 9.34 3.19
C GLU D 113 -21.93 10.55 2.27
N GLY D 114 -20.78 11.24 2.23
CA GLY D 114 -20.60 12.32 1.27
C GLY D 114 -20.74 11.87 -0.17
N LEU D 115 -20.14 10.73 -0.52
CA LEU D 115 -20.32 10.16 -1.85
C LEU D 115 -21.79 9.86 -2.10
N PHE D 116 -22.48 9.33 -1.10
CA PHE D 116 -23.89 9.03 -1.29
C PHE D 116 -24.66 10.27 -1.68
N ARG D 117 -24.50 11.37 -0.93
CA ARG D 117 -25.25 12.59 -1.26
C ARG D 117 -24.76 13.21 -2.55
N HIS D 118 -23.44 13.15 -2.80
CA HIS D 118 -22.88 13.75 -4.01
C HIS D 118 -23.49 13.14 -5.27
N PHE D 119 -23.37 11.80 -5.42
CA PHE D 119 -23.89 11.15 -6.62
C PHE D 119 -25.41 11.19 -6.68
N SER D 120 -26.08 11.07 -5.52
CA SER D 120 -27.54 11.15 -5.51
C SER D 120 -28.01 12.51 -6.02
N ALA D 121 -27.33 13.60 -5.61
CA ALA D 121 -27.71 14.94 -6.01
C ALA D 121 -27.56 15.13 -7.52
N ILE D 122 -26.49 14.60 -8.11
CA ILE D 122 -26.33 14.69 -9.55
C ILE D 122 -27.36 13.82 -10.26
N ALA D 123 -27.60 12.60 -9.76
CA ALA D 123 -28.61 11.73 -10.35
C ALA D 123 -29.99 12.38 -10.32
N ALA D 124 -30.36 13.01 -9.20
CA ALA D 124 -31.64 13.69 -9.11
C ALA D 124 -31.75 14.86 -10.09
N SER D 125 -30.62 15.46 -10.51
CA SER D 125 -30.69 16.66 -11.33
C SER D 125 -30.94 16.39 -12.81
N THR D 126 -30.91 15.14 -13.25
CA THR D 126 -30.99 14.83 -14.67
C THR D 126 -31.85 13.60 -14.84
N SER D 127 -32.48 13.47 -16.00
CA SER D 127 -33.14 12.21 -16.32
C SER D 127 -32.19 11.24 -17.02
N LEU D 128 -30.97 11.68 -17.33
CA LEU D 128 -30.00 10.86 -18.06
C LEU D 128 -29.59 9.63 -17.26
N PRO D 129 -29.29 8.52 -17.93
CA PRO D 129 -28.60 7.40 -17.27
C PRO D 129 -27.22 7.82 -16.77
N ILE D 130 -26.80 7.21 -15.66
CA ILE D 130 -25.54 7.56 -15.03
C ILE D 130 -24.70 6.31 -14.81
N LEU D 131 -23.44 6.38 -15.21
CA LEU D 131 -22.44 5.39 -14.84
C LEU D 131 -21.54 6.00 -13.77
N LEU D 132 -21.43 5.34 -12.63
CA LEU D 132 -20.41 5.75 -11.68
C LEU D 132 -19.05 5.41 -12.26
N TYR D 133 -18.01 6.03 -11.69
CA TYR D 133 -16.63 5.82 -12.16
C TYR D 133 -15.70 5.79 -10.94
N ASN D 134 -15.27 4.59 -10.58
CA ASN D 134 -14.42 4.37 -9.41
C ASN D 134 -12.96 4.28 -9.86
N ILE D 135 -12.13 5.23 -9.43
CA ILE D 135 -10.70 5.14 -9.72
C ILE D 135 -9.90 5.71 -8.55
N PRO D 136 -9.72 4.93 -7.48
CA PRO D 136 -9.09 5.47 -6.26
C PRO D 136 -7.68 5.93 -6.49
N SER D 137 -6.94 5.27 -7.38
CA SER D 137 -5.56 5.67 -7.61
C SER D 137 -5.46 7.13 -8.05
N ARG D 138 -6.50 7.66 -8.72
CA ARG D 138 -6.48 9.07 -9.11
C ARG D 138 -7.22 9.97 -8.14
N CYS D 139 -8.22 9.48 -7.42
CA CYS D 139 -9.09 10.35 -6.62
C CYS D 139 -8.71 10.41 -5.16
N GLY D 140 -8.09 9.36 -4.64
CA GLY D 140 -7.82 9.25 -3.21
C GLY D 140 -8.99 8.72 -2.42
N VAL D 141 -10.01 8.21 -3.08
CA VAL D 141 -11.19 7.70 -2.40
C VAL D 141 -11.78 6.59 -3.24
N ASP D 142 -12.42 5.64 -2.57
CA ASP D 142 -13.02 4.48 -3.21
C ASP D 142 -14.54 4.59 -3.04
N ILE D 143 -15.31 4.24 -4.07
CA ILE D 143 -16.75 4.14 -3.86
C ILE D 143 -16.99 2.74 -3.32
N ALA D 144 -17.28 2.64 -2.03
CA ALA D 144 -17.48 1.35 -1.38
C ALA D 144 -18.66 0.64 -2.02
N VAL D 145 -18.60 -0.70 -2.01
CA VAL D 145 -19.67 -1.53 -2.58
C VAL D 145 -21.02 -1.20 -1.94
N ASP D 146 -21.05 -1.09 -0.60
CA ASP D 146 -22.30 -0.76 0.05
C ASP D 146 -22.81 0.61 -0.39
N THR D 147 -21.90 1.52 -0.73
CA THR D 147 -22.30 2.84 -1.19
C THR D 147 -22.94 2.77 -2.57
N VAL D 148 -22.31 2.01 -3.50
CA VAL D 148 -22.93 1.75 -4.80
C VAL D 148 -24.32 1.13 -4.61
N LYS D 149 -24.43 0.18 -3.67
CA LYS D 149 -25.70 -0.48 -3.47
C LYS D 149 -26.77 0.49 -3.01
N ARG D 150 -26.41 1.38 -2.06
CA ARG D 150 -27.35 2.40 -1.58
C ARG D 150 -27.72 3.39 -2.67
N LEU D 151 -26.74 3.82 -3.46
CA LEU D 151 -27.00 4.79 -4.53
C LEU D 151 -28.01 4.25 -5.54
N VAL D 152 -27.87 2.97 -5.91
CA VAL D 152 -28.74 2.39 -6.91
C VAL D 152 -30.15 2.14 -6.34
N GLU D 153 -30.23 1.74 -5.07
CA GLU D 153 -31.53 1.59 -4.41
C GLU D 153 -32.36 2.87 -4.48
N LYS D 154 -31.70 4.02 -4.34
CA LYS D 154 -32.36 5.31 -4.23
C LYS D 154 -32.31 6.14 -5.51
N ASN D 155 -31.59 5.70 -6.53
CA ASN D 155 -31.44 6.47 -7.78
C ASN D 155 -31.60 5.51 -8.96
N LYS D 156 -32.82 5.44 -9.49
CA LYS D 156 -33.11 4.53 -10.60
C LYS D 156 -32.30 4.85 -11.84
N ASN D 157 -31.82 6.06 -12.01
CA ASN D 157 -31.04 6.33 -13.21
C ASN D 157 -29.55 6.00 -13.05
N ILE D 158 -29.12 5.45 -11.92
CA ILE D 158 -27.73 4.99 -11.79
C ILE D 158 -27.68 3.53 -12.25
N VAL D 159 -27.09 3.30 -13.43
CA VAL D 159 -27.30 2.04 -14.16
C VAL D 159 -26.05 1.19 -14.27
N GLY D 160 -24.89 1.68 -13.86
CA GLY D 160 -23.68 0.86 -13.95
C GLY D 160 -22.49 1.62 -13.39
N ILE D 161 -21.30 1.05 -13.59
CA ILE D 161 -20.08 1.66 -13.07
C ILE D 161 -18.92 1.30 -13.99
N LYS D 162 -18.06 2.29 -14.24
CA LYS D 162 -16.72 2.05 -14.80
C LYS D 162 -15.81 1.75 -13.61
N GLU D 163 -15.50 0.46 -13.42
CA GLU D 163 -14.73 0.01 -12.27
C GLU D 163 -13.25 0.01 -12.62
N ALA D 164 -12.52 0.99 -12.10
CA ALA D 164 -11.08 1.11 -12.35
C ALA D 164 -10.33 1.06 -11.04
N GLY D 165 -10.86 0.33 -10.06
CA GLY D 165 -10.14 0.17 -8.81
C GLY D 165 -9.02 -0.84 -8.88
N GLY D 166 -8.83 -1.48 -10.03
CA GLY D 166 -7.74 -2.44 -10.16
C GLY D 166 -7.92 -3.72 -9.39
N SER D 167 -9.15 -4.07 -9.03
CA SER D 167 -9.42 -5.25 -8.21
C SER D 167 -10.52 -6.08 -8.86
N VAL D 168 -10.18 -7.29 -9.30
CA VAL D 168 -11.21 -8.13 -9.91
C VAL D 168 -12.21 -8.56 -8.85
N ASP D 169 -11.73 -8.72 -7.63
CA ASP D 169 -12.59 -9.11 -6.51
C ASP D 169 -13.73 -8.13 -6.30
N ARG D 170 -13.45 -6.84 -6.52
CA ARG D 170 -14.48 -5.84 -6.44
C ARG D 170 -15.62 -6.14 -7.41
N VAL D 171 -15.31 -6.67 -8.60
CA VAL D 171 -16.38 -7.00 -9.55
C VAL D 171 -17.29 -8.09 -8.97
N SER D 172 -16.68 -9.14 -8.42
CA SER D 172 -17.46 -10.22 -7.84
C SER D 172 -18.34 -9.70 -6.69
N GLN D 173 -17.80 -8.80 -5.88
CA GLN D 173 -18.58 -8.21 -4.80
C GLN D 173 -19.73 -7.37 -5.34
N LEU D 174 -19.46 -6.61 -6.40
CA LEU D 174 -20.49 -5.79 -7.03
C LEU D 174 -21.62 -6.67 -7.57
N VAL D 175 -21.28 -7.76 -8.26
CA VAL D 175 -22.30 -8.67 -8.80
C VAL D 175 -23.12 -9.28 -7.67
N GLU D 176 -22.46 -9.67 -6.58
CA GLU D 176 -23.16 -10.18 -5.41
C GLU D 176 -24.15 -9.16 -4.84
N ALA D 177 -23.78 -7.89 -4.81
CA ALA D 177 -24.60 -6.93 -4.07
C ALA D 177 -25.66 -6.26 -4.92
N LEU D 178 -25.52 -6.23 -6.24
CA LEU D 178 -26.37 -5.39 -7.08
C LEU D 178 -27.17 -6.18 -8.11
N PRO D 179 -28.30 -5.61 -8.58
CA PRO D 179 -29.14 -6.34 -9.55
C PRO D 179 -28.36 -6.61 -10.82
N GLY D 180 -28.75 -7.69 -11.51
CA GLY D 180 -28.06 -8.05 -12.73
C GLY D 180 -28.15 -6.98 -13.80
N GLU D 181 -29.23 -6.18 -13.77
CA GLU D 181 -29.41 -5.09 -14.74
C GLU D 181 -28.32 -4.04 -14.64
N PHE D 182 -27.66 -3.94 -13.50
CA PHE D 182 -26.54 -3.03 -13.27
C PHE D 182 -25.35 -3.46 -14.13
N SER D 183 -24.76 -2.52 -14.87
CA SER D 183 -23.70 -2.84 -15.84
C SER D 183 -22.34 -2.46 -15.25
N ILE D 184 -21.50 -3.46 -15.01
CA ILE D 184 -20.15 -3.19 -14.55
C ILE D 184 -19.26 -3.21 -15.78
N LEU D 185 -18.56 -2.12 -16.02
CA LEU D 185 -17.64 -1.99 -17.14
C LEU D 185 -16.22 -1.92 -16.61
N SER D 186 -15.32 -2.64 -17.26
CA SER D 186 -13.91 -2.47 -16.94
C SER D 186 -13.50 -1.04 -17.26
N GLY D 187 -12.72 -0.45 -16.35
CA GLY D 187 -12.03 0.79 -16.61
C GLY D 187 -10.55 0.63 -16.86
N ASP D 188 -10.07 -0.59 -17.09
CA ASP D 188 -8.65 -0.88 -17.25
C ASP D 188 -8.53 -1.94 -18.33
N ASP D 189 -7.90 -1.59 -19.45
CA ASP D 189 -7.88 -2.50 -20.61
C ASP D 189 -7.27 -3.86 -20.25
N ALA D 190 -6.22 -3.85 -19.43
CA ALA D 190 -5.53 -5.10 -19.12
C ALA D 190 -6.40 -6.03 -18.28
N LEU D 191 -7.42 -5.50 -17.61
CA LEU D 191 -8.29 -6.27 -16.74
C LEU D 191 -9.63 -6.60 -17.37
N THR D 192 -9.86 -6.17 -18.62
CA THR D 192 -11.18 -6.36 -19.21
C THR D 192 -11.60 -7.83 -19.20
N LEU D 193 -10.76 -8.71 -19.75
CA LEU D 193 -11.15 -10.13 -19.82
C LEU D 193 -11.40 -10.72 -18.44
N PRO D 194 -10.53 -10.55 -17.43
CA PRO D 194 -10.87 -11.13 -16.12
C PRO D 194 -12.11 -10.51 -15.52
N PHE D 195 -12.39 -9.22 -15.78
CA PHE D 195 -13.63 -8.60 -15.32
C PHE D 195 -14.83 -9.29 -15.95
N LEU D 196 -14.80 -9.49 -17.26
CA LEU D 196 -15.84 -10.20 -17.99
C LEU D 196 -16.07 -11.60 -17.43
N SER D 197 -14.99 -12.32 -17.08
CA SER D 197 -15.17 -13.70 -16.67
C SER D 197 -15.98 -13.82 -15.39
N VAL D 198 -15.97 -12.79 -14.53
CA VAL D 198 -16.77 -12.83 -13.31
C VAL D 198 -18.00 -11.92 -13.39
N GLY D 199 -18.35 -11.42 -14.58
CA GLY D 199 -19.67 -10.81 -14.73
C GLY D 199 -19.71 -9.38 -15.25
N ALA D 200 -18.58 -8.72 -15.49
CA ALA D 200 -18.64 -7.43 -16.17
C ALA D 200 -19.18 -7.64 -17.59
N VAL D 201 -19.67 -6.57 -18.20
CA VAL D 201 -20.35 -6.72 -19.48
C VAL D 201 -19.75 -5.81 -20.54
N GLY D 202 -18.61 -5.20 -20.24
CA GLY D 202 -17.96 -4.39 -21.26
C GLY D 202 -16.78 -3.62 -20.69
N VAL D 203 -16.35 -2.62 -21.46
CA VAL D 203 -15.15 -1.85 -21.16
C VAL D 203 -15.35 -0.40 -21.60
N VAL D 204 -14.89 0.52 -20.76
CA VAL D 204 -14.57 1.88 -21.18
C VAL D 204 -13.06 1.89 -21.37
N SER D 205 -12.64 1.91 -22.65
CA SER D 205 -11.30 1.50 -23.08
C SER D 205 -10.50 2.70 -23.51
N VAL D 206 -9.21 2.65 -23.23
CA VAL D 206 -8.26 3.59 -23.80
C VAL D 206 -7.67 3.04 -25.10
N ALA D 207 -7.30 1.77 -25.09
CA ALA D 207 -6.62 1.15 -26.22
C ALA D 207 -7.49 1.16 -27.48
N SER D 208 -8.83 1.19 -27.34
CA SER D 208 -9.66 1.21 -28.53
C SER D 208 -9.47 2.47 -29.36
N ASN D 209 -8.85 3.52 -28.80
CA ASN D 209 -8.43 4.68 -29.60
C ASN D 209 -7.53 4.25 -30.75
N LEU D 210 -6.68 3.25 -30.51
CA LEU D 210 -5.71 2.75 -31.47
C LEU D 210 -6.18 1.52 -32.24
N PHE D 211 -6.79 0.57 -31.55
CA PHE D 211 -7.18 -0.71 -32.14
C PHE D 211 -8.65 -0.97 -31.78
N PRO D 212 -9.56 -0.17 -32.32
CA PRO D 212 -10.96 -0.34 -31.94
C PRO D 212 -11.51 -1.73 -32.24
N ARG D 213 -11.23 -2.27 -33.42
CA ARG D 213 -11.80 -3.58 -33.75
C ARG D 213 -11.21 -4.71 -32.93
N PRO D 214 -9.89 -4.83 -32.75
CA PRO D 214 -9.39 -5.90 -31.86
C PRO D 214 -9.92 -5.77 -30.43
N VAL D 215 -9.94 -4.55 -29.87
CA VAL D 215 -10.41 -4.41 -28.49
C VAL D 215 -11.90 -4.77 -28.39
N SER D 216 -12.72 -4.25 -29.30
CA SER D 216 -14.13 -4.61 -29.23
C SER D 216 -14.34 -6.09 -29.55
N ALA D 217 -13.52 -6.68 -30.41
CA ALA D 217 -13.64 -8.12 -30.63
C ALA D 217 -13.30 -8.91 -29.37
N LEU D 218 -12.33 -8.43 -28.58
CA LEU D 218 -12.01 -9.13 -27.34
C LEU D 218 -13.27 -9.33 -26.51
N VAL D 219 -14.06 -8.26 -26.34
CA VAL D 219 -15.25 -8.34 -25.51
C VAL D 219 -16.31 -9.24 -26.14
N ARG D 220 -16.57 -9.05 -27.43
CA ARG D 220 -17.60 -9.82 -28.11
C ARG D 220 -17.32 -11.32 -28.05
N LEU D 221 -16.07 -11.72 -28.32
CA LEU D 221 -15.71 -13.13 -28.27
C LEU D 221 -16.05 -13.73 -26.92
N TYR D 222 -15.70 -13.03 -25.82
CA TYR D 222 -16.05 -13.60 -24.53
C TYR D 222 -17.57 -13.64 -24.37
N LEU D 223 -18.25 -12.56 -24.75
CA LEU D 223 -19.69 -12.48 -24.54
C LEU D 223 -20.45 -13.49 -25.38
N GLU D 224 -19.93 -13.88 -26.53
CA GLU D 224 -20.61 -14.90 -27.29
C GLU D 224 -20.09 -16.30 -26.94
N GLY D 225 -19.42 -16.44 -25.80
CA GLY D 225 -19.04 -17.75 -25.29
C GLY D 225 -17.85 -18.39 -25.96
N LYS D 226 -16.89 -17.60 -26.44
CA LYS D 226 -15.67 -18.12 -27.05
C LYS D 226 -14.45 -17.71 -26.22
N PRO D 227 -14.29 -18.28 -25.02
CA PRO D 227 -13.27 -17.76 -24.09
C PRO D 227 -11.84 -17.90 -24.58
N PHE D 228 -11.54 -18.93 -25.35
CA PHE D 228 -10.15 -19.18 -25.72
C PHE D 228 -9.70 -18.23 -26.81
N GLU D 229 -10.61 -17.91 -27.73
CA GLU D 229 -10.32 -16.87 -28.70
C GLU D 229 -10.16 -15.51 -28.04
N ALA D 230 -11.03 -15.18 -27.08
CA ALA D 230 -10.85 -13.95 -26.31
C ALA D 230 -9.49 -13.93 -25.62
N ARG D 231 -9.09 -15.04 -25.01
CA ARG D 231 -7.79 -15.07 -24.37
C ARG D 231 -6.66 -14.82 -25.38
N GLN D 232 -6.78 -15.40 -26.58
CA GLN D 232 -5.75 -15.18 -27.60
C GLN D 232 -5.62 -13.70 -27.92
N LEU D 233 -6.75 -13.04 -28.11
CA LEU D 233 -6.73 -11.61 -28.38
C LEU D 233 -6.18 -10.85 -27.18
N HIS D 234 -6.56 -11.27 -25.97
CA HIS D 234 -6.03 -10.61 -24.78
C HIS D 234 -4.49 -10.68 -24.73
N GLN D 235 -3.92 -11.85 -24.96
CA GLN D 235 -2.47 -11.96 -24.84
C GLN D 235 -1.77 -11.24 -25.98
N THR D 236 -2.40 -11.17 -27.15
CA THR D 236 -1.86 -10.36 -28.26
C THR D 236 -1.73 -8.89 -27.86
N LEU D 237 -2.73 -8.36 -27.16
CA LEU D 237 -2.81 -6.96 -26.80
C LEU D 237 -2.22 -6.62 -25.44
N TYR D 238 -2.00 -7.62 -24.58
CA TYR D 238 -1.67 -7.29 -23.19
C TYR D 238 -0.47 -6.37 -23.09
N PRO D 239 0.64 -6.61 -23.79
CA PRO D 239 1.77 -5.67 -23.65
C PRO D 239 1.43 -4.26 -24.06
N LEU D 240 0.55 -4.07 -25.05
CA LEU D 240 0.08 -2.73 -25.36
C LEU D 240 -0.74 -2.17 -24.20
N PHE D 241 -1.65 -2.98 -23.66
CA PHE D 241 -2.45 -2.55 -22.52
C PHE D 241 -1.54 -2.05 -21.41
N ARG D 242 -0.48 -2.83 -21.14
CA ARG D 242 0.48 -2.49 -20.09
C ARG D 242 1.19 -1.18 -20.40
N ASP D 243 1.73 -1.04 -21.62
CA ASP D 243 2.53 0.13 -21.96
C ASP D 243 1.69 1.39 -22.24
N LEU D 244 0.37 1.27 -22.43
CA LEU D 244 -0.47 2.46 -22.49
C LEU D 244 -0.63 3.11 -21.13
N MET D 245 -0.11 2.48 -20.08
CA MET D 245 -0.01 3.08 -18.75
C MET D 245 1.44 3.23 -18.31
N ILE D 246 2.39 3.25 -19.25
CA ILE D 246 3.81 3.31 -18.86
C ILE D 246 4.09 4.62 -18.13
N GLU D 247 3.43 5.70 -18.53
CA GLU D 247 3.26 6.91 -17.74
C GLU D 247 1.77 7.21 -17.78
N THR D 248 1.34 8.25 -17.06
CA THR D 248 -0.08 8.49 -16.82
C THR D 248 -0.86 8.69 -18.12
N ASN D 249 -1.91 7.86 -18.29
CA ASN D 249 -2.90 8.09 -19.34
C ASN D 249 -3.39 9.53 -19.27
N PRO D 250 -3.50 10.25 -20.40
CA PRO D 250 -3.37 9.84 -21.81
C PRO D 250 -2.02 10.11 -22.47
N VAL D 251 -0.91 10.34 -21.76
CA VAL D 251 0.35 10.62 -22.45
C VAL D 251 0.72 9.48 -23.39
N PRO D 252 0.69 8.21 -22.99
CA PRO D 252 1.04 7.14 -23.95
C PRO D 252 0.09 7.07 -25.14
N VAL D 253 -1.23 7.08 -24.91
CA VAL D 253 -2.15 6.89 -26.03
C VAL D 253 -2.06 8.07 -26.99
N LYS D 254 -1.88 9.28 -26.46
CA LYS D 254 -1.79 10.44 -27.34
C LYS D 254 -0.45 10.46 -28.08
N THR D 255 0.62 10.03 -27.41
CA THR D 255 1.90 9.86 -28.10
C THR D 255 1.78 8.81 -29.21
N ALA D 256 1.11 7.70 -28.94
CA ALA D 256 0.96 6.68 -29.97
C ALA D 256 0.17 7.22 -31.16
N LEU D 257 -0.92 7.94 -30.90
CA LEU D 257 -1.73 8.48 -31.96
C LEU D 257 -0.97 9.53 -32.76
N ALA D 258 -0.12 10.31 -32.10
CA ALA D 258 0.67 11.30 -32.83
C ALA D 258 1.70 10.63 -33.72
N MET D 259 2.32 9.54 -33.24
CA MET D 259 3.28 8.83 -34.06
C MET D 259 2.64 8.19 -35.28
N GLU D 260 1.36 7.88 -35.20
CA GLU D 260 0.62 7.43 -36.36
C GLU D 260 0.12 8.57 -37.23
N GLY D 261 0.54 9.80 -36.98
CA GLY D 261 0.11 10.95 -37.74
C GLY D 261 -1.34 11.35 -37.58
N LEU D 262 -2.01 10.95 -36.49
CA LEU D 262 -3.44 11.14 -36.43
C LEU D 262 -3.87 12.38 -35.64
N THR D 263 -3.02 12.91 -34.76
CA THR D 263 -3.28 14.16 -34.05
C THR D 263 -1.94 14.76 -33.65
N ASP D 264 -1.96 16.05 -33.36
CA ASP D 264 -0.79 16.68 -32.75
C ASP D 264 -0.70 16.28 -31.28
N LEU D 265 0.51 15.94 -30.83
CA LEU D 265 0.74 15.68 -29.42
C LEU D 265 0.89 17.03 -28.72
N GLU D 266 -0.24 17.71 -28.58
CA GLU D 266 -0.27 18.94 -27.80
C GLU D 266 -0.86 18.56 -26.45
N LEU D 267 -0.01 18.56 -25.43
CA LEU D 267 -0.42 18.27 -24.09
C LEU D 267 -0.41 19.57 -23.32
N ARG D 268 -1.42 19.77 -22.52
CA ARG D 268 -1.45 20.93 -21.68
C ARG D 268 -0.80 20.54 -20.37
N LEU D 269 0.13 21.36 -19.94
CA LEU D 269 0.72 21.16 -18.63
C LEU D 269 -0.38 21.13 -17.58
N PRO D 270 -0.26 20.30 -16.55
CA PRO D 270 0.97 19.63 -16.08
C PRO D 270 1.35 18.30 -16.76
N LEU D 271 0.63 17.85 -17.79
CA LEU D 271 1.06 16.63 -18.46
C LEU D 271 2.32 16.88 -19.25
N ALA D 272 3.21 15.89 -19.28
CA ALA D 272 4.47 16.09 -19.95
C ALA D 272 4.77 14.86 -20.82
N PRO D 273 5.52 15.02 -21.90
CA PRO D 273 5.81 13.86 -22.77
C PRO D 273 6.60 12.79 -22.04
N LEU D 274 6.57 11.57 -22.59
CA LEU D 274 7.19 10.42 -21.96
C LEU D 274 8.69 10.64 -21.79
N GLN D 275 9.26 10.00 -20.77
CA GLN D 275 10.71 9.86 -20.71
C GLN D 275 11.20 9.05 -21.89
N PRO D 276 12.37 9.38 -22.46
CA PRO D 276 12.76 8.78 -23.75
C PRO D 276 12.83 7.25 -23.74
N GLN D 277 13.26 6.64 -22.64
CA GLN D 277 13.27 5.17 -22.57
C GLN D 277 11.85 4.61 -22.60
N ASN D 278 10.87 5.33 -22.08
CA ASN D 278 9.50 4.88 -22.13
C ASN D 278 8.88 5.10 -23.50
N LEU D 279 9.24 6.20 -24.17
CA LEU D 279 8.86 6.35 -25.57
C LEU D 279 9.41 5.21 -26.41
N GLU D 280 10.65 4.77 -26.14
CA GLU D 280 11.19 3.64 -26.89
C GLU D 280 10.41 2.36 -26.62
N LYS D 281 10.08 2.07 -25.35
CA LYS D 281 9.28 0.90 -25.03
C LYS D 281 7.93 0.91 -25.76
N LEU D 282 7.22 2.04 -25.69
CA LEU D 282 5.93 2.15 -26.36
C LEU D 282 6.05 1.93 -27.87
N LYS D 283 7.04 2.57 -28.51
CA LYS D 283 7.21 2.46 -29.96
C LYS D 283 7.35 1.00 -30.38
N THR D 284 8.24 0.27 -29.73
CA THR D 284 8.45 -1.12 -30.08
C THR D 284 7.21 -1.95 -29.78
N THR D 285 6.55 -1.70 -28.64
CA THR D 285 5.33 -2.46 -28.33
C THR D 285 4.27 -2.18 -29.38
N LEU D 286 4.15 -0.93 -29.81
CA LEU D 286 3.24 -0.57 -30.90
C LEU D 286 3.50 -1.40 -32.15
N SER D 287 4.76 -1.46 -32.60
CA SER D 287 5.09 -2.23 -33.82
C SER D 287 4.83 -3.71 -33.60
N ARG D 288 5.25 -4.24 -32.45
CA ARG D 288 5.00 -5.65 -32.15
C ARG D 288 3.51 -5.96 -32.12
N THR D 289 2.70 -5.03 -31.60
CA THR D 289 1.26 -5.26 -31.49
C THR D 289 0.64 -5.41 -32.87
N LYS D 290 1.00 -4.51 -33.78
CA LYS D 290 0.52 -4.61 -35.14
C LYS D 290 0.94 -5.94 -35.77
N GLU D 291 2.20 -6.34 -35.54
CA GLU D 291 2.70 -7.60 -36.09
C GLU D 291 1.92 -8.78 -35.57
N LYS D 292 1.69 -8.81 -34.26
CA LYS D 292 0.95 -9.91 -33.64
C LYS D 292 -0.53 -9.88 -34.03
N LEU D 293 -1.12 -8.70 -34.16
CA LEU D 293 -2.52 -8.64 -34.57
C LEU D 293 -2.72 -9.29 -35.91
N ALA D 294 -1.73 -9.20 -36.80
CA ALA D 294 -1.86 -9.77 -38.13
C ALA D 294 -2.07 -11.27 -38.09
N LYS D 295 -1.44 -11.97 -37.14
CA LYS D 295 -1.52 -13.42 -37.17
C LYS D 295 -2.79 -13.96 -36.55
N VAL D 296 -3.54 -13.16 -35.78
CA VAL D 296 -4.81 -13.60 -35.23
C VAL D 296 -5.90 -12.74 -35.86
N GLU D 297 -5.65 -12.31 -37.10
CA GLU D 297 -6.58 -11.39 -37.74
C GLU D 297 -7.93 -12.04 -37.93
N HIS D 298 -7.97 -13.37 -38.05
CA HIS D 298 -9.25 -14.04 -38.16
C HIS D 298 -10.10 -13.87 -36.90
N LEU D 299 -9.51 -13.48 -35.78
CA LEU D 299 -10.28 -13.32 -34.55
C LEU D 299 -11.02 -12.00 -34.48
N TRP D 300 -10.54 -10.97 -35.17
CA TRP D 300 -11.04 -9.63 -34.99
C TRP D 300 -11.43 -8.96 -36.28
N ALA D 301 -11.02 -9.50 -37.42
CA ALA D 301 -11.31 -8.87 -38.71
C ALA D 301 -12.75 -9.09 -39.08
S SO4 E . -4.57 23.00 3.38
O1 SO4 E . -5.81 23.60 3.91
O2 SO4 E . -3.51 23.99 3.21
O3 SO4 E . -4.81 22.48 2.04
O4 SO4 E . -4.15 21.98 4.33
S SO4 F . 17.12 -7.81 14.21
O1 SO4 F . 15.98 -8.62 13.75
O2 SO4 F . 17.16 -6.55 13.46
O3 SO4 F . 16.90 -7.58 15.64
O4 SO4 F . 18.37 -8.55 13.93
S SO4 G . -0.72 -23.44 1.12
O1 SO4 G . -1.39 -23.72 -0.13
O2 SO4 G . -0.75 -22.00 1.39
O3 SO4 G . -1.36 -24.15 2.22
O4 SO4 G . 0.68 -23.83 0.95
S SO4 H . -11.61 8.26 -18.75
O1 SO4 H . -11.73 9.34 -19.71
O2 SO4 H . -12.82 7.43 -18.75
O3 SO4 H . -11.42 8.81 -17.41
O4 SO4 H . -10.43 7.49 -19.15
#